data_4W8J
#
_entry.id   4W8J
#
_cell.length_a   87.314
_cell.length_b   87.314
_cell.length_c   266.396
_cell.angle_alpha   90.00
_cell.angle_beta   90.00
_cell.angle_gamma   90.00
#
_symmetry.space_group_name_H-M   'P 41 21 2'
#
loop_
_entity.id
_entity.type
_entity.pdbx_description
1 polymer 'Pesticidal crystal protein cry1Ac'
2 non-polymer 'POTASSIUM ION'
3 non-polymer 'CALCIUM ION'
4 water water
#
_entity_poly.entity_id   1
_entity_poly.type   'polypeptide(L)'
_entity_poly.pdbx_seq_one_letter_code
;MDNNPNINECIPYNCLSNPEVEVLGGERIETGYTPIDISLSLTQFLLSEFVPGAGFVLGLVDIIWGIFGPSQWDAFLVQI
EQLINQRIEEFARNQAISRLEGLSNLYQIYAESFREWEADPTNPALREEMRIQFNDMNSALTTAIPLLAVQNYQVPLLSV
YVQAANLHLSVLRDVSVFGQRWGFDAATINSRYNDLTRLIGNYTDYAVRWYNTGLERVWGPDSRDWVRYNQFRRELTLTV
LDIVALFPNYDSRRYPIRTVSQLTREIYTNPVLENFDGSFRGSAQGIERSIRSPHLMDILNSITIYTDAHRGYYYWSGHQ
IMASPVGFSGPEFTFPLYGTMGNAAPQQRIVAQLGQGVYRTLSSTLYRRPFNIGINNQQLSVLDGTEFAYGTSSNLPSAV
YRKSGTVDSLDEIPPQNNNVPPRQGFSHRLSHVSMFRSGFSNSSVSIIRAPMFSWIHRSAEVNNIIASDSITQIPAVKGN
FLFNGSVISGPGFTGGDLVRLNSSGNNIQNRGYIEVPIHFPSTSTRYRVRVRYASVTPIHLNVNWGNSSIFSNTVPATAT
SLDNLQSSDFGYFESANAFTSSLGNIVGVRNFSGTAGVIIDRFEFIPVTATLEAEYNLERAQKAVNALFTSTNQLGLKTN
VTDYHIDQVSNLVTYLSDEFSLDEKRELSEKVKHAKRLSDERNLLQDSNFKDINRQPERGWGGSTGITIQGGDDVFKENY
VTLSGTFDESYPTYLYQKIDESKLKAFTRYQLRGYIEDSQDLEIYLIRYNAKHETVNVPGTGSLWPLSAQSPIGKSGEPN
RSAPHLEWNPDLDSSSRDGEKSAHHSHHFSLDIDVGSTDLNEDLGVWVIFKIKTQDGHARLGNLEFLEEKPLVGEALARV
KRAEKKWRDKREKLEWETNIVYKEAKESVDALFVNSQYDQLQADTNIAMIHAADKRVHSIREAYLPELSVIPGVNAAIFE
ELEGRIFTAFSLYDARNVIKNGDFNNGLSSWNVKGHVDVEEQNNQRSVLVVPEWEAEVSQEVRVSPGRGYILRVTAYKEG
YGEGSVTIHEIENNTDELKFSNSVEEEIYPNNTVTSNDYTVNQEEYGGAYTSRNRGYNEAPSVPADYASVYEEKSYTDGR
RENPSEFNRGYRDYTPLPVGYVTKELEYFPETDKVWIEIGETEGTFIVDSVELLLMEEHHHHHH
;
_entity_poly.pdbx_strand_id   A
#
loop_
_chem_comp.id
_chem_comp.type
_chem_comp.name
_chem_comp.formula
CA non-polymer 'CALCIUM ION' 'Ca 2'
K non-polymer 'POTASSIUM ION' 'K 1'
#
# COMPACT_ATOMS: atom_id res chain seq x y z
N TYR A 33 -43.51 20.93 -23.75
CA TYR A 33 -43.36 21.90 -24.88
C TYR A 33 -42.23 22.93 -24.75
N THR A 34 -41.62 23.03 -23.56
CA THR A 34 -40.52 23.97 -23.28
C THR A 34 -39.15 23.26 -23.18
N PRO A 35 -38.03 24.01 -23.30
CA PRO A 35 -36.69 23.38 -23.22
C PRO A 35 -36.50 22.39 -22.05
N ILE A 36 -37.14 22.64 -20.93
CA ILE A 36 -37.04 21.74 -19.81
C ILE A 36 -37.70 20.39 -20.12
N ASP A 37 -38.80 20.43 -20.87
CA ASP A 37 -39.48 19.22 -21.33
C ASP A 37 -38.62 18.44 -22.29
N ILE A 38 -37.89 19.16 -23.12
CA ILE A 38 -37.08 18.54 -24.13
C ILE A 38 -35.88 17.89 -23.46
N SER A 39 -35.35 18.57 -22.46
CA SER A 39 -34.17 18.08 -21.82
C SER A 39 -34.52 16.80 -21.10
N LEU A 40 -35.56 16.87 -20.28
CA LEU A 40 -35.96 15.71 -19.55
C LEU A 40 -36.18 14.48 -20.48
N SER A 41 -36.57 14.72 -21.74
CA SER A 41 -36.77 13.59 -22.66
C SER A 41 -35.46 12.99 -23.17
N LEU A 42 -34.48 13.85 -23.38
CA LEU A 42 -33.11 13.42 -23.66
C LEU A 42 -32.53 12.68 -22.44
N THR A 43 -32.64 13.31 -21.28
CA THR A 43 -32.19 12.76 -20.01
C THR A 43 -32.66 11.31 -19.82
N GLN A 44 -33.97 11.08 -19.97
CA GLN A 44 -34.50 9.73 -19.92
C GLN A 44 -33.83 8.80 -20.92
N PHE A 45 -33.69 9.24 -22.16
CA PHE A 45 -33.08 8.39 -23.17
C PHE A 45 -31.66 8.04 -22.77
N LEU A 46 -30.92 9.05 -22.33
CA LEU A 46 -29.51 8.89 -21.92
C LEU A 46 -29.32 8.00 -20.70
N LEU A 47 -30.32 7.95 -19.83
CA LEU A 47 -30.28 7.07 -18.71
C LEU A 47 -30.62 5.66 -19.13
N SER A 48 -31.56 5.50 -20.05
CA SER A 48 -32.10 4.16 -20.30
C SER A 48 -31.48 3.44 -21.49
N GLU A 49 -30.94 4.18 -22.45
CA GLU A 49 -30.44 3.58 -23.68
C GLU A 49 -28.96 3.87 -23.96
N PHE A 50 -28.18 4.19 -22.93
CA PHE A 50 -26.79 4.64 -23.13
C PHE A 50 -25.84 3.52 -23.57
N VAL A 51 -25.79 3.31 -24.87
CA VAL A 51 -25.07 2.19 -25.43
C VAL A 51 -24.79 2.50 -26.90
N PRO A 52 -23.56 2.22 -27.34
CA PRO A 52 -23.15 2.63 -28.67
C PRO A 52 -23.96 1.89 -29.72
N GLY A 53 -24.39 2.57 -30.78
CA GLY A 53 -25.20 1.92 -31.79
C GLY A 53 -26.08 2.85 -32.59
N ALA A 54 -26.87 2.24 -33.45
CA ALA A 54 -27.76 2.98 -34.30
C ALA A 54 -28.94 3.49 -33.48
N GLY A 55 -29.40 2.69 -32.52
CA GLY A 55 -30.42 3.13 -31.57
C GLY A 55 -30.04 4.44 -30.88
N PHE A 56 -28.75 4.60 -30.60
CA PHE A 56 -28.29 5.84 -30.01
C PHE A 56 -28.30 7.01 -31.00
N VAL A 57 -27.71 6.79 -32.18
CA VAL A 57 -27.61 7.83 -33.19
C VAL A 57 -29.01 8.26 -33.54
N LEU A 58 -29.86 7.26 -33.80
CA LEU A 58 -31.23 7.53 -34.17
C LEU A 58 -32.02 8.22 -33.07
N GLY A 59 -31.76 7.86 -31.82
CA GLY A 59 -32.36 8.54 -30.69
C GLY A 59 -32.14 10.04 -30.68
N LEU A 60 -30.90 10.48 -30.92
CA LEU A 60 -30.63 11.94 -30.83
C LEU A 60 -31.42 12.73 -31.88
N VAL A 61 -31.40 12.27 -33.15
CA VAL A 61 -32.25 12.92 -34.16
C VAL A 61 -33.69 13.00 -33.74
N ASP A 62 -34.30 11.87 -33.41
CA ASP A 62 -35.73 11.85 -33.03
C ASP A 62 -36.05 12.77 -31.87
N ILE A 63 -35.18 12.79 -30.86
CA ILE A 63 -35.40 13.67 -29.74
C ILE A 63 -35.04 15.13 -30.05
N ILE A 64 -33.93 15.36 -30.75
CA ILE A 64 -33.40 16.71 -30.89
C ILE A 64 -33.15 17.21 -32.30
N TRP A 65 -32.09 16.66 -32.92
CA TRP A 65 -31.43 17.31 -34.03
C TRP A 65 -32.18 17.16 -35.36
N GLY A 66 -33.08 16.19 -35.40
CA GLY A 66 -33.79 15.87 -36.62
C GLY A 66 -35.11 16.59 -36.69
N ILE A 67 -35.46 17.26 -35.61
CA ILE A 67 -36.84 17.66 -35.43
C ILE A 67 -36.99 19.08 -34.87
N PHE A 68 -35.85 19.75 -34.70
CA PHE A 68 -35.74 21.10 -34.19
C PHE A 68 -35.54 22.06 -35.32
N GLY A 69 -36.31 23.15 -35.31
CA GLY A 69 -36.07 24.26 -36.23
C GLY A 69 -35.27 25.32 -35.50
N PRO A 70 -35.09 26.50 -36.12
CA PRO A 70 -34.46 27.68 -35.50
C PRO A 70 -35.29 28.31 -34.38
N SER A 71 -36.61 28.19 -34.44
CA SER A 71 -37.45 28.58 -33.30
C SER A 71 -37.15 27.76 -32.02
N GLN A 72 -36.95 26.45 -32.16
CA GLN A 72 -36.53 25.65 -31.00
C GLN A 72 -35.20 26.15 -30.39
N TRP A 73 -34.22 26.50 -31.22
CA TRP A 73 -32.95 27.02 -30.70
C TRP A 73 -33.15 28.39 -30.09
N ASP A 74 -33.99 29.21 -30.73
CA ASP A 74 -34.36 30.48 -30.17
C ASP A 74 -34.93 30.24 -28.76
N ALA A 75 -35.86 29.29 -28.66
CA ALA A 75 -36.58 28.98 -27.45
C ALA A 75 -35.65 28.67 -26.31
N PHE A 76 -34.58 27.93 -26.61
CA PHE A 76 -33.60 27.58 -25.61
C PHE A 76 -32.87 28.79 -25.07
N LEU A 77 -32.44 29.70 -25.95
CA LEU A 77 -31.71 30.88 -25.51
C LEU A 77 -32.62 31.71 -24.60
N VAL A 78 -33.87 31.92 -25.03
CA VAL A 78 -34.85 32.73 -24.27
C VAL A 78 -35.07 32.23 -22.82
N GLN A 79 -35.08 30.91 -22.66
CA GLN A 79 -35.25 30.28 -21.35
C GLN A 79 -34.27 30.85 -20.34
N ILE A 80 -32.99 30.92 -20.72
CA ILE A 80 -31.97 31.46 -19.82
C ILE A 80 -31.89 32.99 -19.85
N GLU A 81 -32.11 33.58 -21.02
CA GLU A 81 -32.04 35.05 -21.13
C GLU A 81 -33.06 35.77 -20.26
N GLN A 82 -34.32 35.33 -20.37
CA GLN A 82 -35.41 35.81 -19.52
C GLN A 82 -34.99 35.72 -18.06
N LEU A 83 -34.36 34.61 -17.71
CA LEU A 83 -34.05 34.37 -16.33
C LEU A 83 -33.01 35.34 -15.78
N ILE A 84 -31.91 35.49 -16.51
CA ILE A 84 -30.78 36.31 -16.08
C ILE A 84 -30.95 37.75 -16.51
N ASN A 85 -32.06 37.96 -17.21
CA ASN A 85 -32.60 39.29 -17.45
C ASN A 85 -31.81 40.07 -18.45
N GLN A 86 -30.89 39.42 -19.14
CA GLN A 86 -30.15 40.08 -20.18
C GLN A 86 -29.95 39.19 -21.40
N ARG A 87 -30.45 39.69 -22.53
CA ARG A 87 -30.39 39.05 -23.85
C ARG A 87 -28.99 39.04 -24.47
N ILE A 88 -28.71 38.02 -25.28
CA ILE A 88 -27.43 37.89 -25.97
C ILE A 88 -27.36 38.94 -27.05
N GLU A 89 -26.15 39.45 -27.31
CA GLU A 89 -25.90 40.36 -28.43
C GLU A 89 -26.33 39.73 -29.76
N GLU A 90 -26.91 40.55 -30.64
CA GLU A 90 -27.61 40.02 -31.81
C GLU A 90 -26.75 39.26 -32.80
N PHE A 91 -25.56 39.76 -33.10
CA PHE A 91 -24.69 39.06 -34.02
C PHE A 91 -24.36 37.68 -33.44
N ALA A 92 -23.84 37.67 -32.22
CA ALA A 92 -23.56 36.42 -31.54
C ALA A 92 -24.74 35.46 -31.55
N ARG A 93 -25.94 35.99 -31.27
CA ARG A 93 -27.16 35.19 -31.15
C ARG A 93 -27.59 34.64 -32.52
N ASN A 94 -27.44 35.47 -33.55
CA ASN A 94 -27.66 35.11 -34.91
C ASN A 94 -26.69 34.02 -35.33
N GLN A 95 -25.41 34.23 -35.03
CA GLN A 95 -24.38 33.27 -35.39
C GLN A 95 -24.71 31.94 -34.77
N ALA A 96 -25.01 32.01 -33.48
CA ALA A 96 -25.31 30.82 -32.71
C ALA A 96 -26.42 29.98 -33.36
N ILE A 97 -27.55 30.59 -33.71
CA ILE A 97 -28.71 29.84 -34.22
C ILE A 97 -28.48 29.22 -35.59
N SER A 98 -27.65 29.84 -36.41
CA SER A 98 -27.39 29.29 -37.75
C SER A 98 -26.38 28.16 -37.73
N ARG A 99 -25.55 28.12 -36.70
CA ARG A 99 -24.63 27.04 -36.50
C ARG A 99 -25.45 25.86 -36.05
N LEU A 100 -26.17 26.01 -34.95
CA LEU A 100 -27.09 24.97 -34.50
C LEU A 100 -27.91 24.38 -35.65
N GLU A 101 -28.30 25.24 -36.58
CA GLU A 101 -28.98 24.82 -37.78
C GLU A 101 -28.06 24.03 -38.70
N GLY A 102 -26.86 24.54 -38.93
CA GLY A 102 -25.92 23.82 -39.77
C GLY A 102 -25.77 22.41 -39.23
N LEU A 103 -25.86 22.27 -37.91
CA LEU A 103 -25.61 20.99 -37.28
C LEU A 103 -26.82 20.08 -37.36
N SER A 104 -28.02 20.64 -37.32
CA SER A 104 -29.19 19.82 -37.51
C SER A 104 -29.12 19.19 -38.87
N ASN A 105 -28.79 19.99 -39.87
CA ASN A 105 -28.75 19.50 -41.20
C ASN A 105 -27.63 18.49 -41.36
N LEU A 106 -26.45 18.80 -40.85
CA LEU A 106 -25.37 17.84 -40.95
C LEU A 106 -25.65 16.49 -40.27
N TYR A 107 -26.01 16.53 -39.00
CA TYR A 107 -26.21 15.31 -38.28
C TYR A 107 -27.30 14.42 -38.91
N GLN A 108 -28.25 15.05 -39.59
CA GLN A 108 -29.31 14.27 -40.24
C GLN A 108 -28.75 13.40 -41.34
N ILE A 109 -27.66 13.87 -41.94
CA ILE A 109 -26.97 13.18 -43.01
C ILE A 109 -26.17 12.02 -42.43
N TYR A 110 -25.37 12.33 -41.40
CA TYR A 110 -24.62 11.33 -40.65
C TYR A 110 -25.54 10.23 -40.09
N ALA A 111 -26.69 10.61 -39.54
CA ALA A 111 -27.62 9.61 -38.98
C ALA A 111 -28.16 8.73 -40.09
N GLU A 112 -28.55 9.33 -41.20
CA GLU A 112 -29.12 8.57 -42.29
C GLU A 112 -28.08 7.63 -42.89
N SER A 113 -26.85 8.12 -43.05
CA SER A 113 -25.73 7.28 -43.43
C SER A 113 -25.40 6.21 -42.40
N PHE A 114 -25.39 6.57 -41.11
CA PHE A 114 -25.16 5.58 -40.08
C PHE A 114 -26.16 4.46 -40.25
N ARG A 115 -27.45 4.83 -40.25
CA ARG A 115 -28.54 3.85 -40.36
C ARG A 115 -28.33 2.87 -41.51
N GLU A 116 -28.12 3.42 -42.71
CA GLU A 116 -27.92 2.61 -43.90
C GLU A 116 -26.65 1.74 -43.84
N TRP A 117 -25.53 2.29 -43.40
CA TRP A 117 -24.36 1.45 -43.15
C TRP A 117 -24.63 0.26 -42.20
N GLU A 118 -25.36 0.50 -41.12
CA GLU A 118 -25.72 -0.53 -40.16
C GLU A 118 -26.39 -1.71 -40.87
N ALA A 119 -27.27 -1.40 -41.83
CA ALA A 119 -28.07 -2.41 -42.52
C ALA A 119 -27.26 -3.23 -43.53
N ASP A 120 -26.04 -2.80 -43.80
CA ASP A 120 -25.22 -3.39 -44.82
C ASP A 120 -23.77 -2.97 -44.58
N PRO A 121 -23.14 -3.55 -43.57
CA PRO A 121 -21.86 -3.09 -43.03
C PRO A 121 -20.67 -3.11 -44.01
N THR A 122 -20.71 -4.00 -45.01
CA THR A 122 -19.56 -4.32 -45.88
C THR A 122 -19.52 -3.54 -47.18
N ASN A 123 -20.63 -2.88 -47.51
CA ASN A 123 -20.72 -2.00 -48.66
C ASN A 123 -19.72 -0.82 -48.57
N PRO A 124 -18.73 -0.78 -49.48
CA PRO A 124 -17.60 0.16 -49.35
C PRO A 124 -17.99 1.61 -49.60
N ALA A 125 -19.06 1.83 -50.36
CA ALA A 125 -19.56 3.19 -50.55
C ALA A 125 -20.22 3.69 -49.24
N LEU A 126 -21.03 2.84 -48.63
CA LEU A 126 -21.71 3.19 -47.38
C LEU A 126 -20.70 3.46 -46.29
N ARG A 127 -19.56 2.79 -46.40
CA ARG A 127 -18.47 2.96 -45.46
C ARG A 127 -17.65 4.20 -45.72
N GLU A 128 -17.50 4.58 -46.98
CA GLU A 128 -16.75 5.79 -47.32
C GLU A 128 -17.57 6.98 -46.90
N GLU A 129 -18.86 6.86 -47.14
CA GLU A 129 -19.81 7.87 -46.74
C GLU A 129 -19.79 8.00 -45.22
N MET A 130 -19.80 6.88 -44.50
CA MET A 130 -19.61 7.00 -43.06
C MET A 130 -18.36 7.81 -42.70
N ARG A 131 -17.23 7.53 -43.35
CA ARG A 131 -15.99 8.20 -43.03
C ARG A 131 -16.07 9.71 -43.28
N ILE A 132 -16.52 10.07 -44.48
CA ILE A 132 -16.68 11.46 -44.88
C ILE A 132 -17.63 12.21 -43.94
N GLN A 133 -18.84 11.68 -43.76
CA GLN A 133 -19.83 12.31 -42.90
C GLN A 133 -19.26 12.55 -41.50
N PHE A 134 -18.57 11.53 -40.97
CA PHE A 134 -17.90 11.73 -39.70
C PHE A 134 -16.95 12.92 -39.71
N ASN A 135 -16.06 12.97 -40.70
CA ASN A 135 -15.10 14.06 -40.79
C ASN A 135 -15.79 15.41 -40.77
N ASP A 136 -16.85 15.54 -41.55
CA ASP A 136 -17.56 16.79 -41.71
C ASP A 136 -18.26 17.22 -40.42
N MET A 137 -18.86 16.22 -39.76
CA MET A 137 -19.53 16.37 -38.47
C MET A 137 -18.55 16.87 -37.42
N ASN A 138 -17.36 16.26 -37.38
CA ASN A 138 -16.26 16.68 -36.50
C ASN A 138 -15.73 18.10 -36.76
N SER A 139 -15.70 18.49 -38.03
CA SER A 139 -15.29 19.84 -38.42
C SER A 139 -16.28 20.87 -37.90
N ALA A 140 -17.52 20.75 -38.33
CA ALA A 140 -18.59 21.67 -37.95
C ALA A 140 -18.64 21.89 -36.44
N LEU A 141 -18.49 20.81 -35.67
CA LEU A 141 -18.67 20.89 -34.24
C LEU A 141 -17.54 21.65 -33.54
N THR A 142 -16.32 21.26 -33.89
CA THR A 142 -15.10 21.91 -33.44
C THR A 142 -15.17 23.41 -33.73
N THR A 143 -15.69 23.78 -34.91
CA THR A 143 -15.84 25.17 -35.26
C THR A 143 -17.01 25.86 -34.60
N ALA A 144 -18.09 25.14 -34.32
CA ALA A 144 -19.32 25.80 -33.89
C ALA A 144 -19.44 26.00 -32.37
N ILE A 145 -18.87 25.08 -31.61
CA ILE A 145 -18.89 25.17 -30.16
C ILE A 145 -18.20 26.45 -29.67
N PRO A 146 -16.98 26.75 -30.13
CA PRO A 146 -16.47 28.05 -29.65
C PRO A 146 -17.47 29.23 -29.84
N LEU A 147 -18.32 29.18 -30.88
CA LEU A 147 -19.33 30.23 -31.12
C LEU A 147 -20.54 30.16 -30.19
N LEU A 148 -20.57 29.15 -29.32
CA LEU A 148 -21.64 28.96 -28.34
C LEU A 148 -21.07 29.21 -26.93
N ALA A 149 -19.80 29.58 -26.91
CA ALA A 149 -19.05 29.80 -25.68
C ALA A 149 -18.46 31.21 -25.67
N VAL A 150 -19.08 32.09 -26.45
CA VAL A 150 -18.58 33.45 -26.73
C VAL A 150 -18.59 34.37 -25.51
N GLN A 151 -17.49 35.08 -25.31
CA GLN A 151 -17.32 35.97 -24.16
C GLN A 151 -18.50 36.91 -23.88
N ASN A 152 -18.84 37.04 -22.60
CA ASN A 152 -19.87 37.95 -22.12
C ASN A 152 -21.26 37.33 -22.12
N TYR A 153 -21.44 36.27 -22.90
CA TYR A 153 -22.74 35.61 -23.05
C TYR A 153 -22.61 34.10 -22.90
N GLN A 154 -21.53 33.63 -22.26
CA GLN A 154 -21.36 32.20 -22.06
C GLN A 154 -22.56 31.60 -21.33
N VAL A 155 -23.08 32.36 -20.38
CA VAL A 155 -24.17 31.87 -19.55
C VAL A 155 -25.44 31.64 -20.41
N PRO A 156 -26.01 32.70 -21.04
CA PRO A 156 -27.26 32.53 -21.78
C PRO A 156 -27.18 31.51 -22.93
N LEU A 157 -25.96 31.16 -23.30
CA LEU A 157 -25.67 30.19 -24.35
C LEU A 157 -25.50 28.76 -23.83
N LEU A 158 -25.30 28.61 -22.53
CA LEU A 158 -24.84 27.35 -21.98
C LEU A 158 -25.62 26.10 -22.40
N SER A 159 -26.95 26.10 -22.23
CA SER A 159 -27.71 24.89 -22.46
C SER A 159 -27.59 24.40 -23.91
N VAL A 160 -27.51 25.36 -24.82
CA VAL A 160 -27.38 25.05 -26.23
C VAL A 160 -25.95 24.54 -26.50
N TYR A 161 -25.01 25.20 -25.85
CA TYR A 161 -23.65 24.73 -25.82
C TYR A 161 -23.71 23.30 -25.35
N VAL A 162 -24.41 23.04 -24.26
CA VAL A 162 -24.46 21.67 -23.76
C VAL A 162 -24.95 20.71 -24.82
N GLN A 163 -25.92 21.14 -25.61
CA GLN A 163 -26.46 20.31 -26.65
C GLN A 163 -25.46 19.94 -27.70
N ALA A 164 -24.73 20.93 -28.19
CA ALA A 164 -23.72 20.68 -29.21
C ALA A 164 -22.56 19.81 -28.74
N ALA A 165 -22.31 19.81 -27.44
CA ALA A 165 -21.19 19.11 -26.86
C ALA A 165 -21.57 17.67 -26.58
N ASN A 166 -22.80 17.47 -26.09
CA ASN A 166 -23.35 16.11 -25.97
C ASN A 166 -23.22 15.40 -27.30
N LEU A 167 -23.55 16.12 -28.37
CA LEU A 167 -23.51 15.58 -29.69
C LEU A 167 -22.07 15.37 -30.13
N HIS A 168 -21.17 16.28 -29.78
CA HIS A 168 -19.78 16.14 -30.23
C HIS A 168 -19.18 14.90 -29.65
N LEU A 169 -19.45 14.70 -28.38
CA LEU A 169 -18.94 13.54 -27.69
C LEU A 169 -19.45 12.25 -28.29
N SER A 170 -20.70 12.21 -28.74
CA SER A 170 -21.16 10.94 -29.27
C SER A 170 -20.56 10.57 -30.61
N VAL A 171 -20.30 11.54 -31.48
CA VAL A 171 -19.72 11.16 -32.77
C VAL A 171 -18.30 10.68 -32.57
N LEU A 172 -17.61 11.31 -31.63
CA LEU A 172 -16.27 10.88 -31.26
C LEU A 172 -16.32 9.48 -30.67
N ARG A 173 -17.30 9.24 -29.82
CA ARG A 173 -17.48 7.94 -29.23
C ARG A 173 -17.89 6.89 -30.26
N ASP A 174 -18.54 7.32 -31.34
CA ASP A 174 -18.95 6.45 -32.43
C ASP A 174 -17.75 5.94 -33.18
N VAL A 175 -16.98 6.89 -33.67
CA VAL A 175 -15.84 6.57 -34.48
C VAL A 175 -14.86 5.69 -33.69
N SER A 176 -14.83 5.83 -32.36
CA SER A 176 -13.93 5.01 -31.53
C SER A 176 -14.39 3.58 -31.41
N VAL A 177 -15.67 3.34 -31.66
CA VAL A 177 -16.19 1.97 -31.65
C VAL A 177 -16.23 1.43 -33.08
N PHE A 178 -16.80 2.21 -33.97
CA PHE A 178 -17.05 1.75 -35.31
C PHE A 178 -15.99 2.17 -36.32
N GLY A 179 -15.16 3.14 -35.95
CA GLY A 179 -14.05 3.60 -36.79
C GLY A 179 -13.32 2.55 -37.63
N GLN A 180 -12.78 1.54 -36.96
CA GLN A 180 -12.11 0.41 -37.60
C GLN A 180 -13.00 -0.19 -38.72
N ARG A 181 -14.26 -0.46 -38.39
CA ARG A 181 -15.22 -1.11 -39.27
C ARG A 181 -15.63 -0.23 -40.46
N TRP A 182 -15.41 1.07 -40.36
CA TRP A 182 -15.67 1.99 -41.46
C TRP A 182 -14.49 2.13 -42.40
N GLY A 183 -13.32 1.74 -41.93
CA GLY A 183 -12.09 1.86 -42.71
C GLY A 183 -11.04 2.84 -42.21
N PHE A 184 -11.30 3.51 -41.09
CA PHE A 184 -10.30 4.38 -40.48
C PHE A 184 -9.17 3.52 -39.93
N ASP A 185 -7.94 4.03 -40.05
CA ASP A 185 -6.77 3.34 -39.48
C ASP A 185 -6.54 3.67 -38.01
N ALA A 186 -5.98 2.72 -37.27
CA ALA A 186 -5.78 2.84 -35.82
C ALA A 186 -5.22 4.19 -35.37
N ALA A 187 -4.28 4.73 -36.15
CA ALA A 187 -3.67 6.02 -35.82
C ALA A 187 -4.76 7.07 -35.64
N THR A 188 -5.63 7.15 -36.62
CA THR A 188 -6.70 8.15 -36.63
C THR A 188 -7.81 7.84 -35.60
N ILE A 189 -7.98 6.58 -35.23
CA ILE A 189 -9.03 6.28 -34.26
C ILE A 189 -8.58 6.67 -32.89
N ASN A 190 -7.31 6.42 -32.60
CA ASN A 190 -6.77 6.74 -31.29
C ASN A 190 -6.64 8.23 -31.11
N SER A 191 -6.34 8.93 -32.19
CA SER A 191 -6.30 10.37 -32.11
C SER A 191 -7.67 10.90 -31.73
N ARG A 192 -8.70 10.31 -32.30
CA ARG A 192 -10.02 10.86 -32.06
C ARG A 192 -10.62 10.29 -30.77
N TYR A 193 -10.09 9.17 -30.31
CA TYR A 193 -10.36 8.68 -28.97
C TYR A 193 -9.71 9.57 -27.93
N ASN A 194 -8.50 10.02 -28.21
CA ASN A 194 -7.81 10.85 -27.25
C ASN A 194 -8.55 12.16 -27.15
N ASP A 195 -8.99 12.68 -28.31
CA ASP A 195 -9.89 13.84 -28.34
C ASP A 195 -11.13 13.63 -27.45
N LEU A 196 -11.72 12.44 -27.55
CA LEU A 196 -12.95 12.13 -26.85
C LEU A 196 -12.80 12.32 -25.36
N THR A 197 -11.69 11.85 -24.81
CA THR A 197 -11.52 11.89 -23.36
C THR A 197 -10.98 13.25 -22.93
N ARG A 198 -10.24 13.90 -23.81
CA ARG A 198 -9.81 15.26 -23.56
C ARG A 198 -11.06 16.15 -23.37
N LEU A 199 -12.08 15.88 -24.19
CA LEU A 199 -13.27 16.72 -24.26
C LEU A 199 -14.41 16.36 -23.29
N ILE A 200 -14.39 15.16 -22.73
CA ILE A 200 -15.34 14.85 -21.64
C ILE A 200 -15.01 15.81 -20.50
N GLY A 201 -13.71 16.01 -20.29
CA GLY A 201 -13.20 16.88 -19.26
C GLY A 201 -13.47 18.34 -19.54
N ASN A 202 -13.03 18.78 -20.73
CA ASN A 202 -13.14 20.18 -21.09
C ASN A 202 -14.55 20.68 -21.09
N TYR A 203 -15.41 19.96 -21.78
CA TYR A 203 -16.77 20.43 -21.97
C TYR A 203 -17.44 20.43 -20.60
N THR A 204 -17.09 19.47 -19.75
CA THR A 204 -17.70 19.38 -18.41
C THR A 204 -17.26 20.55 -17.53
N ASP A 205 -15.95 20.74 -17.44
CA ASP A 205 -15.41 21.86 -16.66
C ASP A 205 -15.93 23.19 -17.13
N TYR A 206 -16.07 23.36 -18.45
CA TYR A 206 -16.65 24.60 -18.99
C TYR A 206 -18.05 24.84 -18.43
N ALA A 207 -18.97 23.93 -18.76
CA ALA A 207 -20.35 24.05 -18.33
C ALA A 207 -20.41 24.32 -16.83
N VAL A 208 -19.75 23.48 -16.06
CA VAL A 208 -19.81 23.62 -14.62
C VAL A 208 -19.36 25.00 -14.19
N ARG A 209 -18.26 25.50 -14.77
CA ARG A 209 -17.75 26.81 -14.41
C ARG A 209 -18.80 27.88 -14.62
N TRP A 210 -19.37 27.94 -15.82
CA TRP A 210 -20.32 29.01 -16.14
C TRP A 210 -21.67 28.89 -15.44
N TYR A 211 -22.08 27.67 -15.12
CA TYR A 211 -23.21 27.46 -14.23
C TYR A 211 -22.90 28.14 -12.91
N ASN A 212 -21.68 27.96 -12.42
CA ASN A 212 -21.36 28.50 -11.11
C ASN A 212 -21.51 30.00 -11.12
N THR A 213 -20.90 30.65 -12.10
CA THR A 213 -20.79 32.09 -12.05
C THR A 213 -22.06 32.76 -12.54
N GLY A 214 -22.91 32.01 -13.23
CA GLY A 214 -24.24 32.46 -13.57
C GLY A 214 -25.12 32.41 -12.33
N LEU A 215 -25.04 31.29 -11.62
CA LEU A 215 -25.75 31.12 -10.36
C LEU A 215 -25.40 32.18 -9.34
N GLU A 216 -24.11 32.48 -9.18
CA GLU A 216 -23.70 33.45 -8.18
C GLU A 216 -24.22 34.81 -8.61
N ARG A 217 -24.16 35.07 -9.91
CA ARG A 217 -24.50 36.39 -10.46
C ARG A 217 -25.95 36.79 -10.16
N VAL A 218 -26.78 35.79 -9.95
CA VAL A 218 -28.21 35.98 -9.82
C VAL A 218 -28.67 35.83 -8.36
N TRP A 219 -27.73 35.62 -7.44
CA TRP A 219 -28.06 35.62 -6.03
C TRP A 219 -28.36 37.05 -5.59
N GLY A 220 -29.25 37.19 -4.62
CA GLY A 220 -29.63 38.51 -4.10
C GLY A 220 -30.33 38.45 -2.75
N PRO A 221 -30.48 39.62 -2.09
CA PRO A 221 -30.88 39.57 -0.68
C PRO A 221 -32.32 39.19 -0.39
N ASP A 222 -33.25 39.40 -1.33
CA ASP A 222 -34.66 39.22 -1.01
C ASP A 222 -35.32 37.93 -1.53
N SER A 223 -36.59 37.75 -1.19
CA SER A 223 -37.34 36.56 -1.58
C SER A 223 -37.46 36.50 -3.09
N ARG A 224 -37.62 37.66 -3.73
CA ARG A 224 -37.65 37.74 -5.18
C ARG A 224 -36.33 37.26 -5.78
N ASP A 225 -35.23 37.65 -5.17
CA ASP A 225 -33.93 37.24 -5.64
C ASP A 225 -33.77 35.73 -5.58
N TRP A 226 -34.27 35.15 -4.48
CA TRP A 226 -34.28 33.72 -4.27
C TRP A 226 -35.06 32.99 -5.33
N VAL A 227 -36.16 33.56 -5.77
CA VAL A 227 -37.02 32.88 -6.72
C VAL A 227 -36.28 32.74 -8.03
N ARG A 228 -35.71 33.85 -8.51
CA ARG A 228 -34.88 33.85 -9.72
C ARG A 228 -33.71 32.89 -9.52
N TYR A 229 -33.09 32.97 -8.35
CA TYR A 229 -31.91 32.19 -7.99
C TYR A 229 -32.16 30.70 -8.07
N ASN A 230 -33.18 30.27 -7.35
CA ASN A 230 -33.60 28.88 -7.37
C ASN A 230 -34.11 28.50 -8.76
N GLN A 231 -34.79 29.41 -9.43
CA GLN A 231 -35.35 29.06 -10.72
C GLN A 231 -34.22 28.80 -11.70
N PHE A 232 -33.19 29.64 -11.65
CA PHE A 232 -31.99 29.40 -12.38
C PHE A 232 -31.50 28.00 -12.02
N ARG A 233 -31.21 27.76 -10.76
CA ARG A 233 -30.63 26.51 -10.29
C ARG A 233 -31.39 25.31 -10.83
N ARG A 234 -32.71 25.37 -10.70
CA ARG A 234 -33.60 24.27 -11.03
C ARG A 234 -33.67 24.02 -12.53
N GLU A 235 -33.88 25.10 -13.28
CA GLU A 235 -33.94 25.06 -14.75
C GLU A 235 -32.62 24.69 -15.39
N LEU A 236 -31.53 25.15 -14.80
CA LEU A 236 -30.25 24.84 -15.39
C LEU A 236 -29.73 23.48 -14.96
N THR A 237 -30.19 22.98 -13.82
CA THR A 237 -29.88 21.62 -13.47
C THR A 237 -30.58 20.72 -14.48
N LEU A 238 -31.81 21.09 -14.84
CA LEU A 238 -32.62 20.30 -15.76
C LEU A 238 -32.20 20.31 -17.21
N THR A 239 -31.58 21.39 -17.66
CA THR A 239 -31.22 21.51 -19.07
C THR A 239 -29.72 21.48 -19.26
N VAL A 240 -28.99 21.47 -18.15
CA VAL A 240 -27.54 21.51 -18.25
C VAL A 240 -26.87 20.38 -17.46
N LEU A 241 -26.85 20.51 -16.15
CA LEU A 241 -26.06 19.62 -15.33
C LEU A 241 -26.39 18.15 -15.62
N ASP A 242 -27.66 17.84 -15.74
CA ASP A 242 -28.08 16.46 -15.90
C ASP A 242 -27.40 15.80 -17.08
N ILE A 243 -27.39 16.48 -18.21
CA ILE A 243 -26.71 15.99 -19.40
C ILE A 243 -25.23 15.80 -19.12
N VAL A 244 -24.59 16.87 -18.66
CA VAL A 244 -23.17 16.88 -18.35
C VAL A 244 -22.83 15.71 -17.42
N ALA A 245 -23.69 15.44 -16.46
CA ALA A 245 -23.47 14.35 -15.54
C ALA A 245 -23.28 13.01 -16.28
N LEU A 246 -23.86 12.88 -17.47
CA LEU A 246 -23.78 11.64 -18.22
C LEU A 246 -22.54 11.56 -19.12
N PHE A 247 -21.86 12.69 -19.26
CA PHE A 247 -20.71 12.81 -20.16
C PHE A 247 -19.61 11.75 -20.03
N PRO A 248 -19.30 11.31 -18.80
CA PRO A 248 -18.28 10.26 -18.66
C PRO A 248 -18.60 8.97 -19.42
N ASN A 249 -19.85 8.52 -19.33
CA ASN A 249 -20.30 7.28 -19.94
C ASN A 249 -19.97 7.14 -21.43
N TYR A 250 -19.60 8.25 -22.06
CA TYR A 250 -19.11 8.20 -23.44
C TYR A 250 -17.77 7.50 -23.57
N ASP A 251 -17.10 7.21 -22.45
CA ASP A 251 -15.83 6.55 -22.52
C ASP A 251 -16.02 5.09 -22.86
N SER A 252 -16.08 4.86 -24.16
CA SER A 252 -16.08 3.54 -24.78
C SER A 252 -15.25 2.47 -24.08
N ARG A 253 -14.07 2.85 -23.61
CA ARG A 253 -13.18 1.90 -23.00
C ARG A 253 -13.55 1.62 -21.56
N ARG A 254 -14.09 2.61 -20.87
CA ARG A 254 -14.52 2.39 -19.51
C ARG A 254 -15.88 1.78 -19.55
N TYR A 255 -16.66 2.11 -20.57
CA TYR A 255 -18.04 1.63 -20.63
C TYR A 255 -18.36 0.94 -21.95
N PRO A 256 -17.72 -0.21 -22.22
CA PRO A 256 -17.86 -0.90 -23.50
C PRO A 256 -19.29 -1.27 -23.81
N ILE A 257 -20.07 -1.58 -22.77
CA ILE A 257 -21.46 -1.97 -22.97
C ILE A 257 -22.39 -1.02 -22.20
N ARG A 258 -23.69 -1.27 -22.33
CA ARG A 258 -24.71 -0.39 -21.81
C ARG A 258 -24.36 -0.07 -20.36
N THR A 259 -24.52 1.18 -19.98
CA THR A 259 -24.21 1.60 -18.62
C THR A 259 -25.22 2.60 -18.10
N VAL A 260 -25.84 2.26 -16.97
CA VAL A 260 -26.92 3.07 -16.38
C VAL A 260 -26.49 3.93 -15.16
N SER A 261 -26.57 5.25 -15.32
CA SER A 261 -26.31 6.23 -14.26
C SER A 261 -27.57 6.57 -13.43
N GLN A 262 -27.36 7.17 -12.26
CA GLN A 262 -28.44 7.64 -11.42
C GLN A 262 -28.19 9.09 -10.97
N LEU A 263 -29.18 9.94 -11.16
CA LEU A 263 -29.09 11.33 -10.71
C LEU A 263 -29.77 11.43 -9.37
N THR A 264 -29.05 11.99 -8.40
CA THR A 264 -29.48 11.97 -7.01
C THR A 264 -29.74 13.37 -6.50
N ARG A 265 -29.33 14.38 -7.26
CA ARG A 265 -29.50 15.79 -6.86
C ARG A 265 -30.96 16.10 -6.59
N GLU A 266 -31.19 17.15 -5.81
CA GLU A 266 -32.52 17.54 -5.44
C GLU A 266 -32.83 18.84 -6.10
N ILE A 267 -34.07 19.03 -6.49
CA ILE A 267 -34.50 20.34 -6.92
C ILE A 267 -35.70 20.77 -6.11
N TYR A 268 -35.91 22.07 -6.09
CA TYR A 268 -36.74 22.70 -5.09
C TYR A 268 -37.83 23.57 -5.70
N THR A 269 -39.05 23.39 -5.19
CA THR A 269 -40.13 24.29 -5.50
C THR A 269 -40.65 24.88 -4.20
N ASN A 270 -41.22 26.07 -4.30
CA ASN A 270 -41.77 26.78 -3.14
C ASN A 270 -42.94 27.66 -3.54
N PRO A 271 -44.14 27.06 -3.55
CA PRO A 271 -45.41 27.62 -3.99
C PRO A 271 -45.67 29.01 -3.47
N VAL A 272 -45.63 29.15 -2.14
CA VAL A 272 -45.94 30.41 -1.47
C VAL A 272 -45.04 31.50 -2.03
N LEU A 273 -43.73 31.30 -1.91
CA LEU A 273 -42.75 32.25 -2.41
C LEU A 273 -42.80 32.44 -3.92
N GLU A 274 -43.03 31.38 -4.69
CA GLU A 274 -42.87 31.44 -6.15
C GLU A 274 -43.95 32.23 -6.91
N ASN A 275 -45.14 32.32 -6.36
CA ASN A 275 -46.08 33.30 -6.86
C ASN A 275 -46.67 34.14 -5.72
N PHE A 276 -45.76 34.66 -4.92
CA PHE A 276 -46.01 35.83 -4.10
C PHE A 276 -45.84 37.01 -5.05
N ASP A 277 -46.87 37.86 -5.08
CA ASP A 277 -46.92 39.02 -5.99
C ASP A 277 -46.04 40.16 -5.44
N GLY A 278 -45.20 39.83 -4.45
CA GLY A 278 -44.23 40.79 -3.90
C GLY A 278 -42.91 40.16 -3.50
N SER A 279 -42.24 40.76 -2.52
CA SER A 279 -40.92 40.35 -2.07
C SER A 279 -40.70 40.68 -0.59
N PHE A 280 -40.20 39.70 0.16
CA PHE A 280 -39.85 39.86 1.57
C PHE A 280 -38.36 40.20 1.71
N ARG A 281 -38.05 41.26 2.46
CA ARG A 281 -36.68 41.79 2.56
C ARG A 281 -35.72 40.93 3.38
N GLY A 282 -34.48 40.86 2.91
CA GLY A 282 -33.37 40.15 3.58
C GLY A 282 -33.70 38.75 4.05
N SER A 283 -34.39 37.99 3.22
CA SER A 283 -34.94 36.69 3.64
C SER A 283 -34.30 35.51 2.91
N ALA A 284 -33.56 35.82 1.85
CA ALA A 284 -33.05 34.80 0.93
C ALA A 284 -32.03 33.86 1.57
N GLN A 285 -31.29 34.34 2.57
CA GLN A 285 -30.40 33.47 3.31
C GLN A 285 -31.22 32.53 4.18
N GLY A 286 -32.27 33.07 4.79
CA GLY A 286 -33.21 32.32 5.63
C GLY A 286 -33.93 31.25 4.82
N ILE A 287 -34.43 31.65 3.65
CA ILE A 287 -35.03 30.70 2.75
C ILE A 287 -34.01 29.60 2.38
N GLU A 288 -32.86 29.99 1.87
CA GLU A 288 -31.84 29.02 1.45
C GLU A 288 -31.44 28.05 2.58
N ARG A 289 -31.37 28.54 3.81
CA ARG A 289 -31.06 27.67 4.94
C ARG A 289 -32.16 26.58 5.18
N SER A 290 -33.38 26.81 4.70
CA SER A 290 -34.45 25.83 4.92
C SER A 290 -34.34 24.67 3.96
N ILE A 291 -33.36 24.73 3.06
CA ILE A 291 -32.96 23.54 2.32
C ILE A 291 -31.93 22.72 3.09
N ARG A 292 -32.20 21.42 3.13
CA ARG A 292 -31.36 20.45 3.78
C ARG A 292 -29.99 20.46 3.15
N SER A 293 -28.97 20.55 3.98
CA SER A 293 -27.61 20.38 3.54
C SER A 293 -27.29 18.94 3.06
N PRO A 294 -26.10 18.74 2.49
CA PRO A 294 -25.74 17.44 1.94
C PRO A 294 -25.94 16.24 2.88
N HIS A 295 -26.78 15.31 2.46
CA HIS A 295 -27.08 14.13 3.27
C HIS A 295 -27.00 12.81 2.49
N LEU A 296 -26.86 11.69 3.19
CA LEU A 296 -27.14 10.39 2.57
C LEU A 296 -28.60 10.38 2.09
N MET A 297 -28.84 9.75 0.94
CA MET A 297 -30.16 9.83 0.35
C MET A 297 -31.16 9.08 1.21
N ASP A 298 -32.38 9.60 1.27
CA ASP A 298 -33.43 8.96 2.04
C ASP A 298 -34.75 9.09 1.32
N ILE A 299 -35.66 8.19 1.68
CA ILE A 299 -36.95 8.09 1.04
C ILE A 299 -37.93 8.84 1.90
N LEU A 300 -38.80 9.59 1.27
CA LEU A 300 -39.82 10.25 2.04
C LEU A 300 -40.95 9.25 2.32
N ASN A 301 -41.13 8.96 3.60
CA ASN A 301 -42.20 8.09 4.12
C ASN A 301 -43.53 8.80 4.34
N SER A 302 -43.55 9.85 5.16
CA SER A 302 -44.80 10.59 5.38
C SER A 302 -44.60 12.03 5.85
N ILE A 303 -45.63 12.83 5.62
CA ILE A 303 -45.73 14.19 6.14
C ILE A 303 -46.95 14.18 7.02
N THR A 304 -46.83 14.71 8.23
CA THR A 304 -48.02 14.88 9.06
C THR A 304 -48.24 16.38 9.29
N ILE A 305 -49.41 16.88 8.91
CA ILE A 305 -49.61 18.34 8.72
C ILE A 305 -50.49 18.97 9.78
N TYR A 306 -50.06 20.16 10.22
CA TYR A 306 -50.75 20.90 11.25
C TYR A 306 -51.42 22.14 10.71
N THR A 307 -52.73 22.15 10.86
CA THR A 307 -53.56 23.27 10.52
C THR A 307 -53.60 24.22 11.70
N ASP A 308 -53.46 25.50 11.41
CA ASP A 308 -53.67 26.56 12.38
C ASP A 308 -54.73 27.45 11.75
N ALA A 309 -54.95 28.65 12.30
CA ALA A 309 -56.01 29.54 11.79
C ALA A 309 -55.75 30.98 12.14
N HIS A 310 -56.03 31.86 11.18
CA HIS A 310 -55.79 33.29 11.34
C HIS A 310 -56.94 34.01 10.68
N ARG A 311 -57.71 34.76 11.47
CA ARG A 311 -58.95 35.37 10.99
C ARG A 311 -59.80 34.34 10.22
N GLY A 312 -60.10 33.21 10.86
CA GLY A 312 -60.89 32.18 10.19
C GLY A 312 -60.44 31.81 8.77
N TYR A 313 -59.13 31.92 8.54
CA TYR A 313 -58.46 31.30 7.39
C TYR A 313 -57.65 30.15 7.96
N TYR A 314 -57.90 28.95 7.46
CA TYR A 314 -57.21 27.81 7.98
C TYR A 314 -56.03 27.58 7.08
N TYR A 315 -54.88 27.29 7.68
CA TYR A 315 -53.64 27.14 6.93
C TYR A 315 -52.71 26.04 7.44
N TRP A 316 -51.81 25.60 6.55
CA TRP A 316 -50.69 24.72 6.87
C TRP A 316 -49.64 25.46 7.74
N SER A 317 -49.62 25.19 9.04
CA SER A 317 -48.74 25.93 9.96
C SER A 317 -47.44 25.20 10.31
N GLY A 318 -47.46 23.89 10.23
CA GLY A 318 -46.28 23.13 10.58
C GLY A 318 -46.54 21.74 10.11
N HIS A 319 -45.54 20.89 10.18
CA HIS A 319 -45.66 19.54 9.67
C HIS A 319 -44.46 18.73 10.12
N GLN A 320 -44.55 17.42 10.01
CA GLN A 320 -43.46 16.56 10.39
C GLN A 320 -43.18 15.47 9.34
N ILE A 321 -41.90 15.20 9.14
CA ILE A 321 -41.46 14.28 8.11
C ILE A 321 -40.86 13.06 8.75
N MET A 322 -41.27 11.88 8.28
CA MET A 322 -40.56 10.65 8.59
C MET A 322 -39.80 10.28 7.33
N ALA A 323 -38.67 9.60 7.48
CA ALA A 323 -37.89 9.12 6.33
C ALA A 323 -37.16 7.82 6.60
N SER A 324 -36.84 7.10 5.54
CA SER A 324 -36.07 5.90 5.70
C SER A 324 -34.82 5.99 4.84
N PRO A 325 -33.73 5.35 5.27
CA PRO A 325 -32.56 5.18 4.39
C PRO A 325 -32.89 4.39 3.12
N VAL A 326 -31.98 4.43 2.17
CA VAL A 326 -32.11 3.72 0.91
C VAL A 326 -32.36 2.25 1.15
N GLY A 327 -33.41 1.72 0.54
CA GLY A 327 -33.65 0.29 0.53
C GLY A 327 -34.29 -0.16 1.81
N PHE A 328 -34.88 0.81 2.53
CA PHE A 328 -35.46 0.59 3.87
C PHE A 328 -34.52 -0.29 4.68
N SER A 329 -33.23 -0.15 4.38
CA SER A 329 -32.17 -0.94 4.96
C SER A 329 -31.91 -0.53 6.42
N GLY A 330 -32.63 0.49 6.87
CA GLY A 330 -32.55 0.93 8.25
C GLY A 330 -33.90 1.23 8.87
N PRO A 331 -33.92 1.49 10.18
CA PRO A 331 -35.17 1.94 10.81
C PRO A 331 -35.49 3.37 10.36
N GLU A 332 -36.74 3.79 10.48
CA GLU A 332 -37.08 5.13 10.04
C GLU A 332 -36.48 6.17 10.96
N PHE A 333 -36.41 7.40 10.49
CA PHE A 333 -35.99 8.50 11.31
C PHE A 333 -36.83 9.71 11.03
N THR A 334 -36.64 10.74 11.85
CA THR A 334 -37.44 11.94 11.80
C THR A 334 -36.61 13.18 12.10
N PHE A 335 -37.29 14.32 12.07
CA PHE A 335 -36.70 15.63 12.16
C PHE A 335 -37.51 16.52 13.12
N PRO A 336 -36.87 17.53 13.70
CA PRO A 336 -37.62 18.46 14.54
C PRO A 336 -38.79 19.12 13.79
N LEU A 337 -39.82 19.51 14.52
CA LEU A 337 -41.04 20.02 13.88
C LEU A 337 -40.75 21.19 12.96
N TYR A 338 -41.14 21.05 11.69
CA TYR A 338 -41.12 22.17 10.76
C TYR A 338 -42.26 23.11 11.01
N GLY A 339 -41.95 24.41 10.96
CA GLY A 339 -42.95 25.45 11.17
C GLY A 339 -43.33 25.51 12.63
N THR A 340 -44.63 25.54 12.90
CA THR A 340 -45.17 25.58 14.26
C THR A 340 -46.44 24.76 14.37
N MET A 341 -46.54 24.01 15.47
CA MET A 341 -47.75 23.26 15.80
C MET A 341 -48.98 24.15 15.70
N GLY A 342 -50.07 23.58 15.18
CA GLY A 342 -51.32 24.29 15.05
C GLY A 342 -52.37 23.30 15.46
N ASN A 343 -53.50 23.82 15.96
CA ASN A 343 -54.58 22.98 16.45
C ASN A 343 -55.97 23.38 15.99
N ALA A 344 -56.03 24.32 15.07
CA ALA A 344 -57.31 24.78 14.54
C ALA A 344 -58.18 23.64 14.03
N ALA A 345 -57.54 22.60 13.48
CA ALA A 345 -58.22 21.38 13.02
C ALA A 345 -57.37 20.18 13.40
N PRO A 346 -57.90 18.95 13.26
CA PRO A 346 -57.28 17.74 13.79
C PRO A 346 -55.77 17.56 13.59
N GLN A 347 -55.29 17.57 12.35
CA GLN A 347 -53.91 17.10 11.99
C GLN A 347 -54.09 16.03 10.93
N GLN A 348 -53.08 15.80 10.10
CA GLN A 348 -53.31 14.95 8.94
C GLN A 348 -52.05 14.26 8.43
N ARG A 349 -51.82 13.01 8.84
CA ARG A 349 -50.71 12.25 8.28
C ARG A 349 -50.97 11.86 6.82
N ILE A 350 -50.16 12.41 5.92
CA ILE A 350 -50.20 12.00 4.52
C ILE A 350 -49.02 11.08 4.23
N VAL A 351 -49.34 9.88 3.77
CA VAL A 351 -48.35 8.86 3.50
C VAL A 351 -47.80 9.03 2.10
N ALA A 352 -46.48 9.08 1.98
CA ALA A 352 -45.83 9.37 0.71
C ALA A 352 -45.34 8.13 -0.03
N GLN A 353 -44.82 7.14 0.67
CA GLN A 353 -44.38 5.99 -0.07
C GLN A 353 -45.53 5.02 -0.36
N LEU A 354 -46.50 5.49 -1.15
CA LEU A 354 -47.47 4.63 -1.81
C LEU A 354 -47.20 4.71 -3.31
N GLY A 355 -47.43 3.61 -4.02
CA GLY A 355 -47.17 3.56 -5.47
C GLY A 355 -45.70 3.64 -5.80
N GLN A 356 -45.27 4.80 -6.31
CA GLN A 356 -43.85 5.06 -6.54
C GLN A 356 -43.40 6.37 -5.91
N GLY A 357 -44.19 6.86 -4.95
CA GLY A 357 -43.95 8.13 -4.29
C GLY A 357 -44.84 9.21 -4.90
N VAL A 358 -44.71 10.43 -4.37
CA VAL A 358 -45.47 11.57 -4.83
C VAL A 358 -44.71 12.17 -5.98
N TYR A 359 -45.39 12.43 -7.08
CA TYR A 359 -44.77 12.96 -8.28
C TYR A 359 -45.25 14.36 -8.56
N ARG A 360 -46.28 14.79 -7.84
CA ARG A 360 -46.92 16.06 -8.13
C ARG A 360 -47.59 16.66 -6.90
N THR A 361 -47.50 17.99 -6.80
CA THR A 361 -48.31 18.76 -5.86
C THR A 361 -49.11 19.89 -6.54
N LEU A 362 -50.42 19.92 -6.26
CA LEU A 362 -51.27 21.03 -6.67
C LEU A 362 -51.61 21.77 -5.40
N SER A 363 -51.20 23.02 -5.34
CA SER A 363 -51.21 23.78 -4.09
C SER A 363 -52.11 25.00 -4.15
N SER A 364 -52.87 25.23 -3.09
CA SER A 364 -53.64 26.46 -2.95
C SER A 364 -52.87 27.45 -2.09
N THR A 365 -52.64 28.64 -2.63
CA THR A 365 -52.02 29.69 -1.87
C THR A 365 -53.05 30.67 -1.28
N LEU A 366 -52.65 31.36 -0.23
CA LEU A 366 -53.45 32.41 0.36
C LEU A 366 -52.54 33.59 0.62
N TYR A 367 -53.00 34.76 0.23
CA TYR A 367 -52.35 36.02 0.55
C TYR A 367 -53.40 36.99 1.05
N ARG A 368 -53.47 37.17 2.36
CA ARG A 368 -54.20 38.31 2.91
C ARG A 368 -53.21 39.42 3.16
N ARG A 369 -53.52 40.58 2.62
CA ARG A 369 -52.64 41.72 2.67
C ARG A 369 -53.48 42.99 2.75
N PRO A 370 -54.26 43.16 3.84
CA PRO A 370 -55.27 44.23 3.97
C PRO A 370 -54.69 45.63 4.24
N PHE A 371 -55.24 46.61 3.50
CA PHE A 371 -54.80 48.02 3.48
C PHE A 371 -54.49 48.59 4.88
N ASN A 372 -53.28 49.09 5.05
CA ASN A 372 -52.86 49.81 6.25
C ASN A 372 -51.59 50.62 6.03
N GLN A 378 -50.94 43.69 9.70
CA GLN A 378 -51.04 42.23 9.63
C GLN A 378 -51.04 41.66 8.21
N GLN A 379 -50.25 40.60 8.04
CA GLN A 379 -49.97 39.99 6.74
C GLN A 379 -49.85 38.48 6.73
N LEU A 380 -50.30 37.87 5.64
CA LEU A 380 -50.39 36.42 5.60
C LEU A 380 -49.95 35.88 4.24
N SER A 381 -49.11 34.84 4.30
CA SER A 381 -48.51 34.24 3.12
C SER A 381 -48.32 32.77 3.41
N VAL A 382 -49.32 31.97 3.09
CA VAL A 382 -49.30 30.56 3.49
C VAL A 382 -49.97 29.70 2.41
N LEU A 383 -50.08 28.39 2.70
CA LEU A 383 -50.88 27.48 1.90
C LEU A 383 -52.14 27.08 2.69
N ASP A 384 -53.29 27.09 2.01
CA ASP A 384 -54.53 26.56 2.58
C ASP A 384 -54.89 25.16 2.10
N GLY A 385 -54.03 24.55 1.28
CA GLY A 385 -54.27 23.21 0.80
C GLY A 385 -53.30 22.75 -0.26
N THR A 386 -53.14 21.44 -0.38
CA THR A 386 -52.34 20.84 -1.42
C THR A 386 -52.79 19.42 -1.68
N GLU A 387 -52.87 19.08 -2.95
CA GLU A 387 -53.06 17.71 -3.36
C GLU A 387 -51.66 17.09 -3.54
N PHE A 388 -51.48 15.87 -3.08
CA PHE A 388 -50.27 15.12 -3.37
C PHE A 388 -50.69 13.95 -4.26
N ALA A 389 -50.09 13.84 -5.43
CA ALA A 389 -50.48 12.77 -6.33
C ALA A 389 -49.32 11.79 -6.53
N TYR A 390 -49.66 10.51 -6.66
CA TYR A 390 -48.66 9.47 -6.69
C TYR A 390 -48.39 8.96 -8.07
N GLY A 391 -47.16 8.50 -8.29
CA GLY A 391 -46.83 7.83 -9.54
C GLY A 391 -47.23 6.37 -9.45
N THR A 392 -47.97 5.91 -10.45
CA THR A 392 -48.35 4.49 -10.55
C THR A 392 -48.45 4.08 -12.01
N SER A 393 -48.18 2.80 -12.28
CA SER A 393 -48.46 2.23 -13.59
C SER A 393 -49.97 2.18 -13.82
N SER A 394 -50.76 2.20 -12.74
CA SER A 394 -52.19 2.32 -12.90
C SER A 394 -52.74 3.59 -12.23
N ASN A 395 -53.41 3.42 -11.09
CA ASN A 395 -54.21 4.49 -10.51
C ASN A 395 -54.32 4.42 -8.98
N LEU A 396 -54.32 5.61 -8.39
CA LEU A 396 -54.35 5.79 -6.96
C LEU A 396 -55.03 7.12 -6.68
N PRO A 397 -55.99 7.14 -5.74
CA PRO A 397 -56.59 8.39 -5.35
C PRO A 397 -55.55 9.32 -4.76
N SER A 398 -55.66 10.59 -5.09
CA SER A 398 -54.70 11.54 -4.63
C SER A 398 -55.06 11.88 -3.19
N ALA A 399 -54.04 11.97 -2.34
CA ALA A 399 -54.25 12.43 -0.99
C ALA A 399 -54.28 13.94 -0.98
N VAL A 400 -55.30 14.48 -0.35
CA VAL A 400 -55.52 15.92 -0.35
C VAL A 400 -55.36 16.38 1.08
N TYR A 401 -54.50 17.39 1.28
CA TYR A 401 -54.53 18.19 2.49
C TYR A 401 -55.55 19.29 2.25
N ARG A 402 -56.69 19.15 2.91
CA ARG A 402 -57.67 20.19 2.99
C ARG A 402 -58.36 20.52 1.65
N LYS A 403 -57.60 20.94 0.63
CA LYS A 403 -58.10 21.17 -0.75
C LYS A 403 -57.01 21.35 -1.82
N SER A 404 -57.29 20.96 -3.05
CA SER A 404 -56.38 21.22 -4.20
C SER A 404 -56.30 22.67 -4.53
N GLY A 405 -55.37 23.00 -5.43
CA GLY A 405 -55.18 24.37 -5.88
C GLY A 405 -54.60 24.33 -7.27
N THR A 406 -54.21 25.50 -7.78
CA THR A 406 -53.80 25.57 -9.17
C THR A 406 -52.32 25.99 -9.39
N VAL A 407 -51.54 25.95 -8.32
CA VAL A 407 -50.10 26.17 -8.38
C VAL A 407 -49.48 24.80 -8.55
N ASP A 408 -49.55 24.32 -9.78
CA ASP A 408 -49.14 22.97 -10.14
C ASP A 408 -47.62 22.87 -10.14
N SER A 409 -47.10 21.86 -9.45
CA SER A 409 -45.67 21.69 -9.39
C SER A 409 -45.16 21.19 -10.75
N LEU A 410 -46.10 20.69 -11.54
CA LEU A 410 -45.79 20.02 -12.77
C LEU A 410 -45.46 21.01 -13.86
N ASP A 411 -45.68 22.30 -13.60
CA ASP A 411 -45.22 23.34 -14.52
C ASP A 411 -43.72 23.50 -14.40
N GLU A 412 -43.21 23.19 -13.22
CA GLU A 412 -41.83 23.46 -12.87
C GLU A 412 -40.98 22.21 -12.99
N ILE A 413 -41.56 21.08 -12.60
CA ILE A 413 -40.95 19.75 -12.66
C ILE A 413 -41.82 18.84 -13.54
N PRO A 414 -41.79 19.05 -14.87
CA PRO A 414 -42.68 18.32 -15.77
C PRO A 414 -42.27 16.87 -16.03
N PRO A 415 -43.13 16.11 -16.71
CA PRO A 415 -42.80 14.71 -17.01
C PRO A 415 -41.67 14.56 -18.02
N GLN A 416 -41.01 13.42 -17.95
CA GLN A 416 -39.99 13.06 -18.92
C GLN A 416 -40.62 12.40 -20.13
N ASN A 417 -41.75 11.74 -19.92
CA ASN A 417 -42.42 10.95 -20.94
C ASN A 417 -43.79 11.55 -21.22
N ASN A 418 -44.02 11.98 -22.45
CA ASN A 418 -45.32 12.52 -22.81
C ASN A 418 -46.18 11.53 -23.59
N ASN A 419 -45.65 10.32 -23.75
CA ASN A 419 -46.42 9.22 -24.36
C ASN A 419 -47.39 8.56 -23.41
N VAL A 420 -47.47 9.05 -22.18
CA VAL A 420 -48.32 8.46 -21.14
C VAL A 420 -48.87 9.55 -20.21
N PRO A 421 -49.91 9.24 -19.41
CA PRO A 421 -50.30 10.25 -18.42
C PRO A 421 -49.15 10.58 -17.43
N PRO A 422 -49.14 11.83 -16.93
CA PRO A 422 -48.18 12.27 -15.90
C PRO A 422 -47.90 11.26 -14.76
N ARG A 423 -48.93 10.57 -14.29
CA ARG A 423 -48.80 9.55 -13.25
C ARG A 423 -47.78 8.46 -13.62
N GLN A 424 -47.68 8.15 -14.91
CA GLN A 424 -46.68 7.20 -15.41
C GLN A 424 -45.38 7.90 -15.85
N GLY A 425 -45.48 9.07 -16.47
CA GLY A 425 -44.34 9.65 -17.17
C GLY A 425 -43.54 10.75 -16.50
N PHE A 426 -43.76 10.91 -15.20
CA PHE A 426 -43.08 11.92 -14.39
C PHE A 426 -41.58 11.64 -14.33
N SER A 427 -40.83 12.67 -13.95
CA SER A 427 -39.38 12.67 -13.93
C SER A 427 -38.87 12.68 -12.49
N HIS A 428 -39.74 13.09 -11.58
CA HIS A 428 -39.32 13.25 -10.20
C HIS A 428 -40.27 12.70 -9.17
N ARG A 429 -39.68 12.33 -8.04
CA ARG A 429 -40.41 11.96 -6.86
C ARG A 429 -40.14 13.01 -5.78
N LEU A 430 -41.16 13.26 -4.95
CA LEU A 430 -41.05 14.19 -3.85
C LEU A 430 -40.10 13.61 -2.88
N SER A 431 -39.19 14.42 -2.34
CA SER A 431 -38.05 13.89 -1.60
C SER A 431 -38.01 14.27 -0.13
N HIS A 432 -38.57 15.43 0.19
CA HIS A 432 -38.60 16.00 1.52
C HIS A 432 -39.49 17.23 1.45
N VAL A 433 -40.05 17.65 2.57
CA VAL A 433 -40.71 18.95 2.62
C VAL A 433 -40.25 19.68 3.87
N SER A 434 -39.34 20.63 3.70
CA SER A 434 -38.91 21.44 4.82
C SER A 434 -39.78 22.69 4.84
N MET A 435 -39.37 23.74 5.55
CA MET A 435 -40.16 24.98 5.58
C MET A 435 -39.35 26.23 5.85
N PHE A 436 -39.69 27.31 5.15
CA PHE A 436 -39.27 28.65 5.56
C PHE A 436 -40.42 29.31 6.32
N ARG A 437 -40.11 29.85 7.48
CA ARG A 437 -41.11 30.47 8.35
C ARG A 437 -40.68 31.85 8.86
N SER A 438 -41.64 32.64 9.37
CA SER A 438 -41.32 33.84 10.18
C SER A 438 -41.94 33.89 11.58
N GLY A 439 -43.27 33.83 11.68
CA GLY A 439 -43.93 33.73 13.00
C GLY A 439 -44.63 35.01 13.41
N PHE A 440 -44.93 35.16 14.70
CA PHE A 440 -45.50 36.40 15.24
C PHE A 440 -44.43 37.50 15.38
N VAL A 445 -43.90 41.58 11.74
CA VAL A 445 -45.35 41.61 11.98
C VAL A 445 -46.07 40.48 11.23
N SER A 446 -45.54 40.13 10.05
CA SER A 446 -46.20 39.24 9.07
C SER A 446 -45.98 37.71 9.26
N ILE A 447 -46.96 36.92 8.81
CA ILE A 447 -46.89 35.45 8.90
C ILE A 447 -46.50 34.81 7.57
N ILE A 448 -45.40 34.08 7.58
CA ILE A 448 -44.99 33.24 6.47
C ILE A 448 -44.93 31.79 6.92
N ARG A 449 -45.75 30.95 6.27
CA ARG A 449 -45.59 29.51 6.33
C ARG A 449 -45.45 29.00 4.89
N ALA A 450 -44.20 28.78 4.48
CA ALA A 450 -43.84 28.49 3.09
C ALA A 450 -43.13 27.15 2.94
N PRO A 451 -43.91 26.04 2.97
CA PRO A 451 -43.38 24.69 2.73
C PRO A 451 -42.53 24.62 1.49
N MET A 452 -41.38 23.98 1.65
CA MET A 452 -40.35 23.84 0.64
C MET A 452 -40.19 22.38 0.12
N PHE A 453 -40.47 22.13 -1.15
CA PHE A 453 -40.51 20.76 -1.72
C PHE A 453 -39.24 20.34 -2.46
N SER A 454 -38.58 19.32 -1.95
CA SER A 454 -37.46 18.70 -2.64
C SER A 454 -37.99 17.66 -3.61
N TRP A 455 -37.54 17.76 -4.85
CA TRP A 455 -37.77 16.71 -5.80
C TRP A 455 -36.43 16.12 -6.21
N ILE A 456 -36.35 14.82 -6.05
CA ILE A 456 -35.22 14.04 -6.50
C ILE A 456 -35.65 13.43 -7.83
N HIS A 457 -34.69 13.24 -8.72
CA HIS A 457 -34.94 12.62 -10.00
C HIS A 457 -35.26 11.14 -9.81
N ARG A 458 -36.24 10.63 -10.58
CA ARG A 458 -36.70 9.25 -10.44
C ARG A 458 -35.67 8.18 -10.79
N SER A 459 -34.62 8.53 -11.53
CA SER A 459 -33.50 7.62 -11.73
C SER A 459 -32.87 7.21 -10.38
N ALA A 460 -33.06 8.05 -9.34
CA ALA A 460 -32.70 7.69 -7.97
C ALA A 460 -33.69 6.67 -7.37
N GLU A 461 -33.40 5.39 -7.57
CA GLU A 461 -34.32 4.33 -7.21
C GLU A 461 -34.37 4.13 -5.69
N VAL A 462 -35.55 3.78 -5.19
CA VAL A 462 -35.73 3.60 -3.76
C VAL A 462 -34.78 2.53 -3.23
N ASN A 463 -34.42 1.59 -4.12
CA ASN A 463 -33.52 0.47 -3.79
C ASN A 463 -32.33 0.49 -4.72
N ASN A 464 -31.24 -0.14 -4.29
CA ASN A 464 -30.04 -0.24 -5.12
C ASN A 464 -29.99 -1.57 -5.79
N ILE A 465 -30.69 -1.69 -6.91
CA ILE A 465 -30.74 -2.95 -7.63
C ILE A 465 -29.64 -3.04 -8.67
N ILE A 466 -28.90 -4.15 -8.65
CA ILE A 466 -27.82 -4.42 -9.63
C ILE A 466 -28.32 -5.20 -10.85
N ALA A 467 -28.28 -4.58 -12.02
CA ALA A 467 -28.59 -5.28 -13.28
C ALA A 467 -27.56 -6.37 -13.55
N SER A 468 -27.70 -7.07 -14.67
CA SER A 468 -26.72 -8.09 -15.06
C SER A 468 -26.26 -7.99 -16.51
N ASP A 469 -26.96 -7.16 -17.30
CA ASP A 469 -26.65 -7.01 -18.73
C ASP A 469 -25.98 -5.70 -19.06
N SER A 470 -25.84 -4.86 -18.04
CA SER A 470 -25.20 -3.56 -18.16
C SER A 470 -24.41 -3.26 -16.90
N ILE A 471 -23.54 -2.24 -16.98
CA ILE A 471 -22.80 -1.76 -15.83
C ILE A 471 -23.78 -0.92 -15.03
N THR A 472 -23.77 -1.09 -13.72
CA THR A 472 -24.73 -0.39 -12.90
C THR A 472 -23.93 0.59 -12.10
N GLN A 473 -24.38 1.83 -12.11
CA GLN A 473 -23.71 2.86 -11.33
C GLN A 473 -24.46 3.23 -10.06
N ILE A 474 -23.96 2.82 -8.90
CA ILE A 474 -24.55 3.32 -7.66
C ILE A 474 -23.68 4.41 -7.06
N PRO A 475 -24.16 5.67 -7.03
CA PRO A 475 -23.40 6.71 -6.34
C PRO A 475 -23.33 6.39 -4.86
N ALA A 476 -22.19 6.68 -4.24
CA ALA A 476 -21.92 6.30 -2.84
C ALA A 476 -22.91 6.94 -1.87
N VAL A 477 -23.60 7.96 -2.37
CA VAL A 477 -24.49 8.72 -1.57
C VAL A 477 -25.77 7.93 -1.27
N LYS A 478 -25.96 6.84 -2.02
CA LYS A 478 -27.09 5.94 -1.83
C LYS A 478 -26.81 4.89 -0.76
N GLY A 479 -25.82 5.17 0.08
CA GLY A 479 -25.42 4.30 1.17
C GLY A 479 -26.22 4.54 2.44
N ASN A 480 -25.96 3.72 3.44
CA ASN A 480 -26.70 3.84 4.69
C ASN A 480 -25.82 3.88 5.91
N PHE A 481 -24.52 3.67 5.73
CA PHE A 481 -23.56 3.79 6.84
C PHE A 481 -22.35 4.63 6.46
N LEU A 482 -22.27 5.81 7.07
CA LEU A 482 -21.13 6.69 6.92
C LEU A 482 -20.43 6.86 8.26
N PHE A 483 -19.23 6.28 8.36
CA PHE A 483 -18.44 6.40 9.57
C PHE A 483 -17.18 7.18 9.23
N ASN A 484 -16.84 8.17 10.06
CA ASN A 484 -15.69 9.05 9.85
C ASN A 484 -15.61 9.65 8.45
N GLY A 485 -16.64 10.44 8.11
CA GLY A 485 -16.63 11.14 6.85
C GLY A 485 -17.88 11.93 6.62
N SER A 486 -17.86 12.78 5.60
CA SER A 486 -18.99 13.62 5.28
C SER A 486 -19.50 13.40 3.87
N VAL A 487 -20.78 13.73 3.71
CA VAL A 487 -21.35 13.98 2.41
C VAL A 487 -21.05 15.45 2.20
N ILE A 488 -20.61 15.82 1.01
CA ILE A 488 -20.46 17.23 0.67
C ILE A 488 -20.97 17.48 -0.72
N SER A 489 -21.58 18.64 -0.91
CA SER A 489 -22.29 18.91 -2.14
C SER A 489 -21.42 18.66 -3.36
N GLY A 490 -22.02 18.05 -4.38
CA GLY A 490 -21.33 17.80 -5.65
C GLY A 490 -20.99 19.07 -6.41
N PRO A 491 -19.99 19.01 -7.31
CA PRO A 491 -19.62 20.20 -8.06
C PRO A 491 -20.53 20.49 -9.25
N GLY A 492 -21.51 19.64 -9.49
CA GLY A 492 -22.44 19.86 -10.59
C GLY A 492 -22.33 18.77 -11.63
N PHE A 493 -21.12 18.24 -11.85
CA PHE A 493 -20.95 17.29 -12.94
C PHE A 493 -21.03 15.83 -12.49
N THR A 494 -21.56 15.58 -11.29
CA THR A 494 -21.70 14.21 -10.78
C THR A 494 -23.13 13.67 -10.74
N GLY A 495 -24.12 14.56 -10.86
CA GLY A 495 -25.54 14.19 -10.72
C GLY A 495 -26.05 14.34 -9.30
N GLY A 496 -25.15 14.71 -8.40
CA GLY A 496 -25.49 14.71 -6.98
C GLY A 496 -24.31 14.92 -6.06
N ASP A 497 -24.45 14.50 -4.82
CA ASP A 497 -23.43 14.86 -3.86
C ASP A 497 -22.43 13.74 -3.81
N LEU A 498 -21.33 13.95 -3.09
CA LEU A 498 -20.28 12.95 -2.99
C LEU A 498 -20.03 12.56 -1.55
N VAL A 499 -19.16 11.58 -1.36
CA VAL A 499 -18.79 11.12 -0.03
C VAL A 499 -17.30 11.39 0.21
N ARG A 500 -17.01 12.11 1.29
CA ARG A 500 -15.63 12.32 1.75
C ARG A 500 -15.32 11.34 2.89
N LEU A 501 -14.26 10.56 2.74
CA LEU A 501 -13.82 9.73 3.84
C LEU A 501 -12.57 10.39 4.40
N ASN A 502 -12.53 10.57 5.73
CA ASN A 502 -11.44 11.32 6.35
C ASN A 502 -10.22 10.46 6.61
N SER A 503 -9.08 11.12 6.85
CA SER A 503 -7.86 10.44 7.29
C SER A 503 -8.03 9.96 8.73
N SER A 504 -7.27 8.92 9.09
CA SER A 504 -7.41 8.25 10.38
C SER A 504 -7.71 9.20 11.53
N ASN A 507 -4.43 5.55 15.72
CA ASN A 507 -5.05 5.92 14.46
C ASN A 507 -6.06 4.88 13.95
N ILE A 508 -5.85 3.62 14.31
CA ILE A 508 -6.42 2.47 13.56
C ILE A 508 -7.96 2.28 13.60
N GLN A 509 -8.59 2.38 14.75
CA GLN A 509 -10.04 2.14 14.80
C GLN A 509 -10.87 3.36 14.41
N ASN A 510 -10.28 4.27 13.65
CA ASN A 510 -10.96 5.46 13.16
C ASN A 510 -10.81 5.58 11.63
N ARG A 511 -11.06 4.47 10.93
CA ARG A 511 -10.92 4.42 9.47
C ARG A 511 -12.22 4.89 8.89
N GLY A 512 -12.16 5.82 7.94
CA GLY A 512 -13.37 6.28 7.24
C GLY A 512 -14.01 5.14 6.45
N TYR A 513 -15.34 5.04 6.50
CA TYR A 513 -16.03 3.91 5.89
C TYR A 513 -17.39 4.29 5.34
N ILE A 514 -17.68 3.83 4.13
CA ILE A 514 -18.99 4.01 3.51
C ILE A 514 -19.52 2.65 3.10
N GLU A 515 -20.71 2.35 3.59
CA GLU A 515 -21.39 1.07 3.34
C GLU A 515 -22.63 1.31 2.49
N VAL A 516 -22.75 0.60 1.37
CA VAL A 516 -23.96 0.64 0.55
C VAL A 516 -24.65 -0.72 0.49
N PRO A 517 -25.95 -0.76 0.80
CA PRO A 517 -26.76 -1.94 0.56
C PRO A 517 -27.09 -2.09 -0.91
N ILE A 518 -27.08 -3.33 -1.40
CA ILE A 518 -27.25 -3.65 -2.83
C ILE A 518 -28.00 -4.96 -3.00
N HIS A 519 -28.99 -4.98 -3.89
CA HIS A 519 -29.71 -6.20 -4.20
C HIS A 519 -29.30 -6.74 -5.56
N PHE A 520 -29.10 -8.05 -5.63
CA PHE A 520 -28.76 -8.73 -6.89
C PHE A 520 -29.90 -9.58 -7.41
N PRO A 521 -30.63 -9.10 -8.41
CA PRO A 521 -31.68 -9.91 -9.04
C PRO A 521 -31.17 -11.27 -9.50
N SER A 522 -30.01 -11.28 -10.14
CA SER A 522 -29.45 -12.51 -10.65
C SER A 522 -28.22 -12.87 -9.84
N THR A 523 -28.41 -13.88 -9.00
CA THR A 523 -27.40 -14.53 -8.19
C THR A 523 -26.19 -15.04 -9.00
N SER A 524 -26.47 -15.72 -10.11
CA SER A 524 -25.48 -16.42 -10.93
C SER A 524 -24.47 -15.51 -11.68
N THR A 525 -24.65 -14.19 -11.61
CA THR A 525 -23.83 -13.25 -12.41
C THR A 525 -22.56 -12.84 -11.71
N ARG A 526 -21.45 -12.84 -12.46
CA ARG A 526 -20.10 -12.48 -11.97
C ARG A 526 -19.80 -11.02 -12.24
N TYR A 527 -19.48 -10.26 -11.19
CA TYR A 527 -19.19 -8.85 -11.37
C TYR A 527 -17.84 -8.42 -10.82
N ARG A 528 -17.15 -7.60 -11.59
CA ARG A 528 -15.99 -6.87 -11.10
C ARG A 528 -16.47 -5.53 -10.57
N VAL A 529 -16.03 -5.16 -9.38
CA VAL A 529 -16.38 -3.84 -8.83
C VAL A 529 -15.35 -2.79 -9.24
N ARG A 530 -15.87 -1.65 -9.69
CA ARG A 530 -15.06 -0.49 -9.99
C ARG A 530 -15.57 0.68 -9.17
N VAL A 531 -14.66 1.50 -8.70
CA VAL A 531 -14.98 2.66 -7.88
C VAL A 531 -14.40 3.91 -8.55
N ARG A 532 -15.24 4.93 -8.70
CA ARG A 532 -14.83 6.27 -9.09
C ARG A 532 -14.47 7.04 -7.85
N TYR A 533 -13.28 7.63 -7.83
CA TYR A 533 -12.80 8.30 -6.64
C TYR A 533 -11.98 9.53 -6.98
N ALA A 534 -11.63 10.29 -5.94
CA ALA A 534 -10.68 11.38 -6.06
C ALA A 534 -9.81 11.51 -4.80
N SER A 535 -8.51 11.63 -5.03
CA SER A 535 -7.55 11.96 -3.98
C SER A 535 -6.36 12.77 -4.50
N VAL A 536 -5.81 13.59 -3.61
CA VAL A 536 -4.63 14.43 -3.89
C VAL A 536 -3.28 13.72 -3.70
N THR A 537 -3.33 12.53 -3.08
CA THR A 537 -2.16 11.71 -2.82
C THR A 537 -2.50 10.25 -3.16
N PRO A 538 -1.47 9.41 -3.36
CA PRO A 538 -1.73 7.97 -3.42
C PRO A 538 -2.22 7.42 -2.07
N ILE A 539 -3.36 6.73 -2.04
CA ILE A 539 -3.92 6.22 -0.78
C ILE A 539 -4.16 4.72 -0.83
N HIS A 540 -3.94 4.04 0.29
CA HIS A 540 -4.29 2.63 0.37
C HIS A 540 -5.77 2.51 0.72
N LEU A 541 -6.50 1.78 -0.13
CA LEU A 541 -7.94 1.62 0.06
C LEU A 541 -8.35 0.17 0.09
N ASN A 542 -9.26 -0.14 0.99
CA ASN A 542 -9.83 -1.46 1.04
C ASN A 542 -11.29 -1.43 0.67
N VAL A 543 -11.64 -2.22 -0.33
CA VAL A 543 -13.04 -2.43 -0.68
C VAL A 543 -13.49 -3.79 -0.15
N ASN A 544 -14.52 -3.77 0.68
CA ASN A 544 -15.21 -5.00 1.06
C ASN A 544 -16.46 -5.21 0.24
N TRP A 545 -16.81 -6.48 0.06
CA TRP A 545 -18.12 -6.89 -0.43
C TRP A 545 -18.65 -7.97 0.53
N GLY A 546 -19.80 -7.71 1.13
CA GLY A 546 -20.28 -8.53 2.23
C GLY A 546 -19.26 -8.44 3.34
N ASN A 547 -18.92 -9.57 3.95
CA ASN A 547 -17.91 -9.59 5.01
C ASN A 547 -16.48 -9.77 4.49
N SER A 548 -16.32 -10.05 3.19
CA SER A 548 -14.98 -10.28 2.60
C SER A 548 -14.41 -9.08 1.83
N SER A 549 -13.10 -8.92 1.91
CA SER A 549 -12.39 -7.77 1.34
C SER A 549 -11.79 -8.06 -0.03
N ILE A 550 -12.36 -7.45 -1.06
CA ILE A 550 -12.03 -7.80 -2.46
C ILE A 550 -10.99 -6.93 -3.18
N PHE A 551 -10.58 -5.84 -2.54
CA PHE A 551 -9.50 -4.98 -3.04
C PHE A 551 -8.77 -4.29 -1.88
N SER A 552 -7.45 -4.43 -1.83
CA SER A 552 -6.68 -3.67 -0.87
C SER A 552 -5.26 -3.41 -1.37
N ASN A 553 -5.05 -2.19 -1.83
CA ASN A 553 -3.77 -1.72 -2.35
C ASN A 553 -3.83 -0.21 -2.43
N THR A 554 -2.71 0.39 -2.82
CA THR A 554 -2.61 1.82 -2.91
C THR A 554 -2.89 2.25 -4.35
N VAL A 555 -3.91 3.09 -4.51
CA VAL A 555 -4.30 3.63 -5.81
C VAL A 555 -3.69 5.02 -5.95
N PRO A 556 -3.53 5.49 -7.21
CA PRO A 556 -2.81 6.74 -7.51
C PRO A 556 -3.59 7.98 -7.14
N ALA A 557 -2.93 9.13 -7.22
CA ALA A 557 -3.61 10.42 -7.11
C ALA A 557 -4.20 10.75 -8.48
N THR A 558 -5.11 11.72 -8.50
CA THR A 558 -5.92 12.01 -9.69
C THR A 558 -6.10 13.52 -9.78
N ALA A 559 -5.84 14.17 -8.64
CA ALA A 559 -6.09 15.60 -8.43
C ALA A 559 -4.89 16.32 -7.78
N THR A 560 -4.98 17.64 -7.64
CA THR A 560 -3.98 18.42 -6.87
C THR A 560 -4.62 19.42 -5.92
N SER A 561 -5.92 19.26 -5.69
CA SER A 561 -6.67 19.92 -4.61
C SER A 561 -8.09 19.41 -4.69
N LEU A 562 -8.67 19.12 -3.53
CA LEU A 562 -10.01 18.53 -3.44
C LEU A 562 -11.10 19.57 -3.29
N ASP A 563 -10.75 20.85 -3.38
CA ASP A 563 -11.73 21.90 -3.11
C ASP A 563 -12.44 22.38 -4.38
N ASN A 564 -11.68 22.71 -5.42
CA ASN A 564 -12.33 23.01 -6.69
C ASN A 564 -12.16 21.82 -7.62
N LEU A 565 -13.18 20.98 -7.62
CA LEU A 565 -13.06 19.67 -8.21
C LEU A 565 -13.40 19.72 -9.67
N GLN A 566 -12.47 19.28 -10.49
CA GLN A 566 -12.65 19.26 -11.94
C GLN A 566 -12.86 17.83 -12.44
N SER A 567 -13.44 17.69 -13.63
CA SER A 567 -13.83 16.40 -14.19
C SER A 567 -12.71 15.36 -14.13
N SER A 568 -11.57 15.69 -14.73
CA SER A 568 -10.36 14.86 -14.75
C SER A 568 -9.73 14.68 -13.37
N ASP A 569 -10.35 15.25 -12.34
CA ASP A 569 -9.91 15.02 -10.98
C ASP A 569 -10.34 13.65 -10.44
N PHE A 570 -11.21 12.96 -11.17
CA PHE A 570 -11.68 11.66 -10.73
C PHE A 570 -10.95 10.58 -11.48
N GLY A 571 -10.99 9.37 -10.93
CA GLY A 571 -10.32 8.23 -11.54
C GLY A 571 -11.02 6.97 -11.14
N TYR A 572 -10.46 5.85 -11.58
CA TYR A 572 -11.00 4.52 -11.30
C TYR A 572 -9.93 3.53 -10.75
N PHE A 573 -10.41 2.52 -10.04
CA PHE A 573 -9.66 1.31 -9.75
C PHE A 573 -10.68 0.20 -9.70
N GLU A 574 -10.21 -1.04 -9.79
CA GLU A 574 -11.11 -2.19 -9.85
C GLU A 574 -10.53 -3.34 -9.06
N SER A 575 -11.39 -4.25 -8.61
CA SER A 575 -10.92 -5.51 -8.06
C SER A 575 -10.27 -6.30 -9.20
N ALA A 576 -9.34 -7.18 -8.84
CA ALA A 576 -8.70 -8.04 -9.83
C ALA A 576 -9.62 -9.18 -10.28
N ASN A 577 -10.43 -9.71 -9.35
CA ASN A 577 -11.34 -10.80 -9.65
C ASN A 577 -12.80 -10.36 -9.80
N ALA A 578 -13.70 -11.32 -9.95
CA ALA A 578 -15.14 -11.08 -10.13
C ALA A 578 -16.00 -12.11 -9.37
N PHE A 579 -17.04 -11.64 -8.69
CA PHE A 579 -17.78 -12.43 -7.68
C PHE A 579 -19.29 -12.28 -7.80
N THR A 580 -20.02 -13.03 -6.97
CA THR A 580 -21.47 -13.20 -7.14
C THR A 580 -22.29 -12.78 -5.93
N GLY A 584 -21.48 -11.64 -0.22
CA GLY A 584 -22.39 -10.86 0.64
C GLY A 584 -23.33 -9.92 -0.10
N ASN A 585 -23.97 -9.00 0.61
CA ASN A 585 -25.06 -8.17 0.06
C ASN A 585 -24.97 -6.66 0.31
N ILE A 586 -23.82 -6.20 0.78
CA ILE A 586 -23.54 -4.78 0.87
C ILE A 586 -22.22 -4.55 0.16
N VAL A 587 -21.77 -3.31 0.09
CA VAL A 587 -20.54 -2.98 -0.63
C VAL A 587 -19.85 -1.77 0.04
N GLY A 588 -18.53 -1.84 0.19
CA GLY A 588 -17.90 -0.84 1.00
C GLY A 588 -16.48 -0.48 0.66
N VAL A 589 -16.12 0.73 1.08
CA VAL A 589 -14.76 1.25 0.95
C VAL A 589 -14.32 1.78 2.31
N ARG A 590 -13.07 1.47 2.65
CA ARG A 590 -12.41 1.97 3.85
C ARG A 590 -11.15 2.74 3.44
N ASN A 591 -11.00 3.96 4.00
CA ASN A 591 -9.80 4.77 3.80
C ASN A 591 -8.71 4.41 4.81
N PHE A 592 -7.77 3.58 4.36
CA PHE A 592 -6.70 3.08 5.24
C PHE A 592 -5.64 4.10 5.64
N SER A 593 -5.52 5.18 4.87
CA SER A 593 -4.54 6.20 5.15
C SER A 593 -4.74 6.79 6.54
N GLY A 594 -3.63 6.91 7.26
CA GLY A 594 -3.59 7.75 8.44
C GLY A 594 -3.62 9.22 8.06
N THR A 595 -3.17 9.54 6.85
CA THR A 595 -2.83 10.92 6.51
C THR A 595 -3.81 11.76 5.65
N ALA A 596 -4.23 11.25 4.49
CA ALA A 596 -5.05 12.02 3.53
C ALA A 596 -6.48 11.53 3.46
N GLY A 597 -7.35 12.36 2.86
CA GLY A 597 -8.76 12.03 2.66
C GLY A 597 -9.01 11.60 1.22
N VAL A 598 -10.20 11.08 0.96
CA VAL A 598 -10.51 10.59 -0.37
C VAL A 598 -11.99 10.80 -0.64
N ILE A 599 -12.31 11.29 -1.82
CA ILE A 599 -13.68 11.43 -2.26
C ILE A 599 -14.10 10.18 -3.00
N ILE A 600 -15.17 9.55 -2.53
CA ILE A 600 -15.78 8.45 -3.26
C ILE A 600 -17.03 8.95 -3.98
N ASP A 601 -17.03 8.80 -5.30
CA ASP A 601 -18.18 9.18 -6.11
C ASP A 601 -19.17 8.03 -6.16
N ARG A 602 -18.79 6.98 -6.87
CA ARG A 602 -19.71 5.90 -7.16
C ARG A 602 -19.10 4.53 -7.31
N PHE A 603 -19.93 3.54 -7.03
CA PHE A 603 -19.60 2.15 -7.16
C PHE A 603 -20.14 1.71 -8.48
N GLU A 604 -19.39 0.87 -9.18
CA GLU A 604 -19.78 0.38 -10.50
C GLU A 604 -19.63 -1.12 -10.55
N PHE A 605 -20.74 -1.79 -10.87
CA PHE A 605 -20.77 -3.23 -11.01
C PHE A 605 -20.74 -3.65 -12.46
N ILE A 606 -19.81 -4.53 -12.79
CA ILE A 606 -19.51 -4.86 -14.17
C ILE A 606 -19.62 -6.37 -14.41
N PRO A 607 -20.73 -6.82 -15.04
CA PRO A 607 -20.95 -8.22 -15.44
C PRO A 607 -19.83 -8.71 -16.32
N VAL A 608 -19.42 -9.96 -16.11
CA VAL A 608 -18.23 -10.48 -16.74
C VAL A 608 -18.34 -12.01 -16.91
N THR A 609 -17.81 -12.55 -18.00
CA THR A 609 -17.73 -14.00 -18.10
C THR A 609 -16.39 -14.43 -17.61
N ALA A 610 -16.31 -15.72 -17.31
CA ALA A 610 -15.08 -16.36 -16.88
C ALA A 610 -13.90 -16.23 -17.85
N THR A 611 -14.11 -16.27 -19.17
CA THR A 611 -13.02 -16.00 -20.14
C THR A 611 -12.49 -14.59 -20.00
N LEU A 612 -13.39 -13.61 -19.86
CA LEU A 612 -12.95 -12.25 -19.64
C LEU A 612 -12.05 -12.24 -18.43
N GLU A 613 -12.52 -12.79 -17.31
CA GLU A 613 -11.73 -12.82 -16.09
C GLU A 613 -10.30 -13.31 -16.35
N ALA A 614 -10.20 -14.52 -16.89
CA ALA A 614 -8.92 -15.19 -17.19
C ALA A 614 -7.99 -14.36 -18.06
N GLU A 615 -8.60 -13.52 -18.90
CA GLU A 615 -7.89 -12.64 -19.81
C GLU A 615 -7.24 -11.49 -19.05
N TYR A 616 -8.00 -10.84 -18.18
CA TYR A 616 -7.53 -9.69 -17.39
C TYR A 616 -6.28 -10.08 -16.61
N ASN A 617 -6.31 -11.26 -16.02
CA ASN A 617 -5.19 -11.66 -15.19
C ASN A 617 -3.97 -12.09 -16.00
N LEU A 618 -4.22 -12.68 -17.16
CA LEU A 618 -3.17 -13.02 -18.13
C LEU A 618 -2.37 -11.79 -18.59
N GLU A 619 -3.06 -10.79 -19.14
CA GLU A 619 -2.39 -9.55 -19.51
C GLU A 619 -1.53 -9.03 -18.35
N ARG A 620 -2.11 -8.99 -17.17
CA ARG A 620 -1.46 -8.48 -15.99
C ARG A 620 -0.16 -9.23 -15.70
N ALA A 621 -0.18 -10.55 -15.85
CA ALA A 621 0.95 -11.39 -15.52
C ALA A 621 2.00 -11.44 -16.64
N GLN A 622 1.52 -11.21 -17.87
CA GLN A 622 2.35 -11.20 -19.06
C GLN A 622 3.26 -9.97 -19.04
N LYS A 623 2.72 -8.88 -18.52
CA LYS A 623 3.40 -7.60 -18.39
C LYS A 623 4.48 -7.73 -17.31
N ALA A 624 4.16 -8.46 -16.25
CA ALA A 624 5.09 -8.73 -15.16
C ALA A 624 6.32 -9.53 -15.60
N VAL A 625 6.10 -10.66 -16.27
CA VAL A 625 7.19 -11.49 -16.74
C VAL A 625 8.11 -10.74 -17.70
N ASN A 626 7.53 -10.00 -18.64
CA ASN A 626 8.30 -9.26 -19.63
C ASN A 626 9.24 -8.22 -19.00
N ALA A 627 8.72 -7.53 -17.98
CA ALA A 627 9.49 -6.52 -17.27
C ALA A 627 10.68 -7.08 -16.50
N LEU A 628 10.93 -8.39 -16.57
CA LEU A 628 12.15 -8.93 -15.97
C LEU A 628 13.38 -8.82 -16.88
N PHE A 629 13.14 -8.76 -18.19
CA PHE A 629 14.21 -8.83 -19.18
C PHE A 629 14.64 -7.49 -19.70
N THR A 630 15.91 -7.41 -20.12
CA THR A 630 16.51 -6.19 -20.61
C THR A 630 15.95 -5.82 -21.96
N SER A 631 15.75 -6.85 -22.78
CA SER A 631 15.45 -6.70 -24.18
C SER A 631 14.28 -7.56 -24.58
N THR A 632 13.84 -7.34 -25.81
CA THR A 632 12.67 -7.97 -26.35
C THR A 632 12.87 -9.46 -26.63
N ASN A 633 14.10 -9.95 -26.47
CA ASN A 633 14.39 -11.34 -26.77
C ASN A 633 14.59 -12.22 -25.54
N GLN A 634 14.35 -11.64 -24.37
CA GLN A 634 14.39 -12.34 -23.08
C GLN A 634 15.67 -13.15 -22.91
N LEU A 635 16.78 -12.53 -23.24
CA LEU A 635 18.04 -13.21 -23.12
C LEU A 635 18.79 -12.80 -21.88
N GLY A 636 18.49 -11.62 -21.37
CA GLY A 636 19.16 -11.18 -20.17
C GLY A 636 18.20 -10.65 -19.13
N LEU A 637 18.61 -10.78 -17.88
CA LEU A 637 17.87 -10.17 -16.80
C LEU A 637 18.30 -8.76 -16.62
N LYS A 638 17.37 -7.90 -16.23
CA LYS A 638 17.71 -6.56 -15.84
C LYS A 638 18.43 -6.71 -14.54
N THR A 639 19.58 -6.07 -14.39
CA THR A 639 20.38 -6.31 -13.23
C THR A 639 19.70 -5.90 -11.92
N ASN A 640 18.85 -4.88 -11.97
CA ASN A 640 18.20 -4.45 -10.75
C ASN A 640 16.88 -5.22 -10.45
N VAL A 641 16.57 -6.22 -11.27
CA VAL A 641 15.59 -7.23 -10.89
C VAL A 641 16.24 -8.24 -9.94
N THR A 642 15.74 -8.33 -8.72
CA THR A 642 16.29 -9.24 -7.73
C THR A 642 15.68 -10.64 -7.85
N ASP A 643 16.41 -11.63 -7.35
CA ASP A 643 15.97 -13.02 -7.29
C ASP A 643 14.59 -13.20 -6.66
N TYR A 644 14.30 -12.39 -5.65
CA TYR A 644 13.09 -12.47 -4.86
C TYR A 644 11.93 -11.92 -5.67
N HIS A 645 12.21 -10.87 -6.42
CA HIS A 645 11.25 -10.32 -7.34
C HIS A 645 10.79 -11.39 -8.34
N ILE A 646 11.73 -12.08 -8.98
CA ILE A 646 11.41 -13.16 -9.90
C ILE A 646 10.48 -14.19 -9.25
N ASP A 647 10.70 -14.42 -7.97
CA ASP A 647 9.79 -15.24 -7.15
C ASP A 647 8.38 -14.63 -7.02
N GLN A 648 8.25 -13.34 -6.72
CA GLN A 648 6.92 -12.73 -6.66
C GLN A 648 6.14 -12.86 -7.95
N VAL A 649 6.84 -12.67 -9.07
CA VAL A 649 6.25 -12.72 -10.39
C VAL A 649 5.81 -14.13 -10.76
N SER A 650 6.57 -15.14 -10.33
CA SER A 650 6.15 -16.52 -10.61
C SER A 650 4.87 -16.88 -9.88
N ASN A 651 4.67 -16.29 -8.70
CA ASN A 651 3.45 -16.44 -7.92
C ASN A 651 2.23 -16.01 -8.71
N LEU A 652 2.41 -14.90 -9.41
CA LEU A 652 1.38 -14.32 -10.22
C LEU A 652 0.94 -15.33 -11.29
N VAL A 653 1.90 -15.97 -11.94
CA VAL A 653 1.60 -16.96 -12.96
C VAL A 653 0.80 -18.18 -12.43
N THR A 654 1.16 -18.70 -11.26
CA THR A 654 0.49 -19.88 -10.71
C THR A 654 -0.98 -19.63 -10.30
N TYR A 655 -1.37 -18.36 -10.23
CA TYR A 655 -2.73 -18.01 -9.88
C TYR A 655 -3.63 -17.94 -11.11
N LEU A 656 -3.03 -18.04 -12.30
CA LEU A 656 -3.81 -18.07 -13.54
C LEU A 656 -4.64 -19.35 -13.66
N SER A 657 -5.85 -19.21 -14.21
CA SER A 657 -6.77 -20.34 -14.39
C SER A 657 -6.18 -21.47 -15.24
N ASP A 658 -6.41 -22.70 -14.77
CA ASP A 658 -6.00 -23.91 -15.48
C ASP A 658 -7.10 -24.32 -16.44
N GLU A 659 -8.28 -23.75 -16.22
CA GLU A 659 -9.48 -24.03 -17.02
C GLU A 659 -9.53 -23.21 -18.31
N PHE A 660 -9.00 -21.99 -18.32
CA PHE A 660 -9.16 -21.13 -19.51
C PHE A 660 -7.87 -20.57 -20.12
N SER A 661 -6.73 -20.88 -19.54
CA SER A 661 -5.50 -20.19 -19.91
C SER A 661 -4.33 -21.15 -20.10
N LEU A 662 -4.56 -22.44 -19.89
CA LEU A 662 -3.47 -23.40 -19.91
C LEU A 662 -2.45 -23.15 -21.02
N ASP A 663 -2.89 -23.17 -22.28
CA ASP A 663 -1.99 -22.93 -23.39
C ASP A 663 -1.04 -21.75 -23.07
N GLU A 664 -1.62 -20.59 -22.79
CA GLU A 664 -0.86 -19.34 -22.63
C GLU A 664 -0.26 -19.15 -21.22
N LYS A 665 -0.66 -20.00 -20.28
CA LYS A 665 -0.09 -20.02 -18.93
C LYS A 665 1.20 -20.84 -18.90
N ARG A 666 1.17 -21.98 -19.58
CA ARG A 666 2.35 -22.83 -19.70
C ARG A 666 3.48 -22.02 -20.33
N GLU A 667 3.10 -21.24 -21.35
CA GLU A 667 4.00 -20.37 -22.11
C GLU A 667 4.67 -19.37 -21.18
N LEU A 668 3.85 -18.74 -20.33
CA LEU A 668 4.33 -17.77 -19.37
C LEU A 668 5.23 -18.41 -18.34
N SER A 669 4.85 -19.60 -17.88
CA SER A 669 5.67 -20.30 -16.89
C SER A 669 7.01 -20.81 -17.45
N GLU A 670 7.09 -21.00 -18.76
CA GLU A 670 8.36 -21.25 -19.43
C GLU A 670 9.31 -20.07 -19.19
N LYS A 671 8.79 -18.86 -19.32
CA LYS A 671 9.60 -17.66 -19.36
C LYS A 671 10.06 -17.24 -17.98
N VAL A 672 9.17 -17.36 -17.02
CA VAL A 672 9.52 -16.99 -15.68
C VAL A 672 10.50 -18.02 -15.11
N LYS A 673 10.31 -19.28 -15.46
CA LYS A 673 11.30 -20.27 -15.06
C LYS A 673 12.62 -19.94 -15.74
N HIS A 674 12.56 -19.45 -16.96
CA HIS A 674 13.76 -19.14 -17.71
C HIS A 674 14.48 -17.97 -17.04
N ALA A 675 13.73 -16.94 -16.66
CA ALA A 675 14.30 -15.84 -15.92
C ALA A 675 15.00 -16.37 -14.69
N LYS A 676 14.26 -17.09 -13.85
CA LYS A 676 14.89 -17.62 -12.66
C LYS A 676 16.21 -18.34 -12.98
N ARG A 677 16.21 -19.20 -14.00
CA ARG A 677 17.43 -19.91 -14.35
C ARG A 677 18.58 -18.94 -14.66
N LEU A 678 18.25 -17.84 -15.32
CA LEU A 678 19.25 -16.82 -15.61
C LEU A 678 19.72 -16.11 -14.33
N SER A 679 18.84 -15.92 -13.37
CA SER A 679 19.25 -15.39 -12.06
C SER A 679 20.28 -16.29 -11.39
N ASP A 680 20.01 -17.59 -11.38
CA ASP A 680 20.99 -18.53 -10.82
C ASP A 680 22.29 -18.47 -11.59
N GLU A 681 22.21 -18.10 -12.87
CA GLU A 681 23.41 -18.04 -13.69
C GLU A 681 24.31 -16.91 -13.22
N ARG A 682 23.71 -15.72 -13.04
CA ARG A 682 24.46 -14.55 -12.61
C ARG A 682 24.86 -14.64 -11.13
N ASN A 683 24.20 -15.51 -10.38
CA ASN A 683 24.46 -15.62 -8.96
C ASN A 683 25.77 -16.33 -8.74
N LEU A 684 26.69 -15.62 -8.11
CA LEU A 684 28.03 -16.11 -7.97
C LEU A 684 28.22 -17.00 -6.78
N LEU A 685 27.19 -17.15 -5.96
CA LEU A 685 27.29 -18.03 -4.78
C LEU A 685 27.00 -19.49 -5.14
N GLN A 686 27.88 -20.36 -4.65
CA GLN A 686 27.63 -21.79 -4.70
C GLN A 686 26.52 -22.16 -3.71
N ASP A 687 25.83 -23.29 -3.98
CA ASP A 687 24.79 -23.84 -3.09
C ASP A 687 23.81 -22.72 -2.67
N SER A 688 23.04 -22.20 -3.64
CA SER A 688 22.10 -21.07 -3.43
C SER A 688 21.02 -21.38 -2.43
N ASN A 689 20.52 -22.61 -2.52
CA ASN A 689 19.39 -23.10 -1.74
C ASN A 689 19.87 -23.91 -0.54
N PHE A 690 21.07 -23.58 -0.07
CA PHE A 690 21.57 -24.14 1.16
C PHE A 690 21.27 -25.61 1.27
N LYS A 691 21.66 -26.39 0.25
CA LYS A 691 21.44 -27.84 0.23
C LYS A 691 22.60 -28.63 0.83
N ASP A 692 23.74 -27.99 1.01
CA ASP A 692 25.00 -28.69 1.30
C ASP A 692 25.87 -28.03 2.33
N ILE A 693 25.27 -27.21 3.19
CA ILE A 693 26.06 -26.50 4.18
C ILE A 693 26.92 -27.49 4.92
N ASN A 694 28.22 -27.25 4.90
CA ASN A 694 29.20 -28.03 5.64
C ASN A 694 29.55 -29.38 5.04
N ARG A 695 29.05 -29.70 3.85
CA ARG A 695 29.30 -31.02 3.29
C ARG A 695 30.71 -31.18 2.74
N GLU A 698 32.55 -26.31 3.36
CA GLU A 698 33.95 -26.60 2.99
C GLU A 698 34.49 -25.86 1.72
N ARG A 699 33.70 -25.88 0.64
CA ARG A 699 33.96 -25.07 -0.55
C ARG A 699 32.63 -24.49 -0.97
N GLY A 700 31.61 -24.72 -0.15
CA GLY A 700 30.35 -24.00 -0.27
C GLY A 700 30.14 -23.20 1.02
N TRP A 701 29.04 -23.51 1.70
CA TRP A 701 28.67 -22.82 2.93
C TRP A 701 29.40 -23.35 4.15
N GLY A 702 29.89 -22.42 4.95
CA GLY A 702 30.36 -22.73 6.28
C GLY A 702 29.26 -22.31 7.22
N GLY A 703 28.92 -23.19 8.16
CA GLY A 703 27.80 -22.91 9.05
C GLY A 703 28.00 -23.49 10.43
N SER A 704 27.47 -22.80 11.44
CA SER A 704 27.47 -23.30 12.80
C SER A 704 26.12 -23.95 13.19
N THR A 705 26.03 -24.30 14.47
CA THR A 705 24.79 -24.72 15.09
C THR A 705 23.84 -23.51 15.12
N GLY A 706 22.57 -23.75 15.46
CA GLY A 706 21.62 -22.66 15.64
C GLY A 706 21.17 -22.12 14.31
N ILE A 707 21.33 -22.96 13.28
CA ILE A 707 20.82 -22.70 11.92
C ILE A 707 19.81 -23.78 11.55
N THR A 708 18.88 -23.42 10.65
CA THR A 708 17.77 -24.27 10.22
C THR A 708 17.33 -23.94 8.82
N ILE A 709 17.13 -24.96 8.02
CA ILE A 709 16.68 -24.79 6.66
C ILE A 709 15.28 -25.38 6.45
N GLN A 710 14.27 -24.53 6.31
CA GLN A 710 12.99 -25.02 5.88
C GLN A 710 12.72 -24.63 4.42
N GLY A 711 11.87 -25.42 3.76
CA GLY A 711 11.68 -25.35 2.32
C GLY A 711 10.95 -24.16 1.74
N GLY A 712 10.23 -23.42 2.59
CA GLY A 712 9.32 -22.39 2.10
C GLY A 712 8.60 -21.78 3.27
N ASP A 713 7.66 -20.87 3.01
CA ASP A 713 7.29 -19.83 3.97
C ASP A 713 6.09 -18.98 3.52
N ASP A 714 5.56 -18.16 4.44
CA ASP A 714 4.65 -17.04 4.12
C ASP A 714 5.34 -16.04 3.17
N VAL A 715 6.68 -16.01 3.25
CA VAL A 715 7.55 -15.04 2.55
C VAL A 715 8.39 -15.72 1.45
N PHE A 716 9.07 -16.79 1.83
CA PHE A 716 9.96 -17.47 0.91
C PHE A 716 9.26 -18.65 0.20
N LYS A 717 9.64 -18.81 -1.05
CA LYS A 717 9.07 -19.77 -1.98
C LYS A 717 10.12 -20.84 -2.25
N GLU A 718 11.34 -20.61 -1.75
CA GLU A 718 12.45 -21.57 -1.86
C GLU A 718 13.17 -21.80 -0.52
N ASN A 719 13.98 -22.85 -0.44
CA ASN A 719 14.76 -23.13 0.76
C ASN A 719 15.34 -21.87 1.41
N TYR A 720 15.14 -21.73 2.71
CA TYR A 720 15.64 -20.53 3.37
C TYR A 720 16.23 -20.84 4.73
N VAL A 721 16.79 -19.82 5.35
CA VAL A 721 17.70 -20.01 6.46
C VAL A 721 17.19 -19.28 7.70
N THR A 722 17.12 -19.98 8.84
CA THR A 722 16.81 -19.32 10.10
C THR A 722 18.00 -19.46 11.01
N LEU A 723 18.46 -18.32 11.52
CA LEU A 723 19.49 -18.31 12.50
C LEU A 723 18.91 -17.81 13.80
N SER A 724 19.30 -18.47 14.90
CA SER A 724 18.93 -18.11 16.25
C SER A 724 20.18 -17.63 17.00
N GLY A 725 20.01 -17.16 18.24
CA GLY A 725 21.08 -16.46 18.94
C GLY A 725 22.18 -17.35 19.50
N THR A 726 23.04 -16.76 20.34
CA THR A 726 24.01 -17.51 21.11
C THR A 726 24.00 -17.15 22.60
N PHE A 727 24.35 -18.12 23.44
CA PHE A 727 24.53 -17.87 24.87
C PHE A 727 25.86 -17.18 25.21
N ASP A 728 26.90 -17.41 24.37
CA ASP A 728 28.22 -16.78 24.55
C ASP A 728 28.67 -16.07 23.31
N GLU A 729 29.07 -14.82 23.50
CA GLU A 729 29.50 -13.92 22.43
C GLU A 729 30.66 -14.48 21.61
N SER A 730 31.51 -15.29 22.24
CA SER A 730 32.66 -15.95 21.59
C SER A 730 32.28 -17.16 20.74
N TYR A 731 31.01 -17.58 20.86
CA TYR A 731 30.50 -18.72 20.10
C TYR A 731 29.32 -18.29 19.24
N PRO A 732 29.60 -17.52 18.18
CA PRO A 732 28.52 -16.97 17.38
C PRO A 732 27.85 -17.95 16.40
N THR A 733 26.70 -17.54 15.91
CA THR A 733 26.00 -18.27 14.89
C THR A 733 26.51 -17.67 13.61
N TYR A 734 26.95 -18.51 12.69
CA TYR A 734 27.61 -18.01 11.53
C TYR A 734 27.29 -18.85 10.31
N LEU A 735 26.99 -18.15 9.22
CA LEU A 735 26.93 -18.71 7.90
C LEU A 735 27.88 -17.91 7.03
N TYR A 736 28.89 -18.58 6.51
CA TYR A 736 29.85 -17.90 5.66
C TYR A 736 30.20 -18.69 4.41
N GLN A 737 30.80 -18.02 3.43
CA GLN A 737 31.24 -18.61 2.15
C GLN A 737 32.26 -17.70 1.47
N LYS A 738 33.33 -18.27 0.93
CA LYS A 738 34.28 -17.51 0.14
C LYS A 738 33.86 -17.46 -1.34
N ILE A 739 34.09 -16.34 -2.00
CA ILE A 739 33.87 -16.27 -3.43
C ILE A 739 35.18 -16.24 -4.20
N ASP A 740 35.42 -17.29 -4.96
CA ASP A 740 36.66 -17.55 -5.70
C ASP A 740 37.07 -16.42 -6.68
N GLU A 741 38.35 -16.00 -6.59
CA GLU A 741 38.90 -14.95 -7.50
C GLU A 741 38.54 -15.24 -8.93
N SER A 742 38.55 -16.52 -9.30
CA SER A 742 38.35 -16.93 -10.70
C SER A 742 36.98 -16.59 -11.21
N LYS A 743 36.05 -16.34 -10.30
CA LYS A 743 34.71 -15.92 -10.67
C LYS A 743 34.60 -14.40 -10.72
N LEU A 744 35.56 -13.71 -10.12
CA LEU A 744 35.60 -12.24 -10.14
C LEU A 744 36.32 -11.63 -11.35
N LYS A 745 35.87 -10.44 -11.71
CA LYS A 745 36.43 -9.66 -12.79
C LYS A 745 37.04 -8.37 -12.20
N ALA A 746 38.27 -8.05 -12.62
CA ALA A 746 38.98 -6.86 -12.18
C ALA A 746 38.19 -5.57 -12.30
N PHE A 747 38.41 -4.67 -11.34
CA PHE A 747 37.98 -3.27 -11.41
C PHE A 747 36.50 -3.13 -11.59
N THR A 748 35.76 -3.87 -10.78
CA THR A 748 34.35 -4.02 -10.95
C THR A 748 33.79 -4.03 -9.56
N ARG A 749 32.69 -3.30 -9.35
CA ARG A 749 31.84 -3.48 -8.18
C ARG A 749 31.01 -4.75 -8.28
N TYR A 750 30.83 -5.38 -7.13
CA TYR A 750 29.95 -6.51 -6.98
C TYR A 750 28.87 -6.20 -5.93
N GLN A 751 27.76 -6.94 -5.96
CA GLN A 751 26.71 -6.68 -5.00
C GLN A 751 26.19 -7.94 -4.27
N LEU A 752 26.31 -7.94 -2.95
CA LEU A 752 25.64 -8.95 -2.14
C LEU A 752 24.25 -8.48 -1.79
N ARG A 753 23.27 -9.35 -2.01
CA ARG A 753 21.91 -8.97 -1.68
C ARG A 753 21.05 -10.20 -1.46
N GLY A 754 19.88 -9.97 -0.89
CA GLY A 754 18.96 -11.03 -0.53
C GLY A 754 17.81 -10.39 0.18
N TYR A 755 17.00 -11.23 0.82
CA TYR A 755 15.76 -10.78 1.41
C TYR A 755 15.67 -11.31 2.81
N ILE A 756 15.30 -10.44 3.75
CA ILE A 756 15.19 -10.81 5.16
C ILE A 756 13.74 -10.68 5.60
N GLU A 757 13.09 -11.81 5.87
CA GLU A 757 11.73 -11.77 6.42
C GLU A 757 11.70 -10.93 7.68
N ASP A 758 12.71 -11.12 8.52
CA ASP A 758 12.91 -10.38 9.75
C ASP A 758 14.24 -10.76 10.40
N SER A 759 14.64 -9.98 11.39
CA SER A 759 16.03 -9.92 11.73
C SER A 759 16.21 -9.19 13.03
N GLN A 760 17.20 -9.62 13.80
CA GLN A 760 17.67 -8.82 14.93
C GLN A 760 19.11 -9.16 15.24
N ASP A 761 19.95 -8.14 15.24
CA ASP A 761 21.37 -8.27 15.55
C ASP A 761 22.14 -9.02 14.47
N LEU A 762 21.60 -9.02 13.25
CA LEU A 762 22.23 -9.70 12.15
C LEU A 762 23.43 -8.91 11.64
N GLU A 763 24.58 -9.56 11.72
CA GLU A 763 25.86 -8.94 11.38
C GLU A 763 26.32 -9.45 10.00
N ILE A 764 26.46 -8.53 9.07
CA ILE A 764 26.74 -8.89 7.70
C ILE A 764 28.07 -8.32 7.26
N TYR A 765 28.94 -9.22 6.81
CA TYR A 765 30.29 -8.87 6.47
C TYR A 765 30.59 -9.07 4.98
N LEU A 766 31.33 -8.12 4.41
CA LEU A 766 31.91 -8.29 3.08
C LEU A 766 33.38 -7.97 3.21
N ILE A 767 34.23 -8.93 2.84
CA ILE A 767 35.66 -8.84 3.11
C ILE A 767 36.52 -9.12 1.89
N ARG A 768 37.26 -8.11 1.46
CA ARG A 768 38.29 -8.28 0.44
C ARG A 768 39.54 -7.54 0.94
N TYR A 769 39.77 -6.33 0.45
CA TYR A 769 40.90 -5.50 0.91
C TYR A 769 40.72 -5.05 2.35
N ASN A 770 39.47 -4.99 2.79
CA ASN A 770 39.12 -4.78 4.19
C ASN A 770 37.69 -5.24 4.34
N ALA A 771 37.20 -5.22 5.57
CA ALA A 771 35.86 -5.69 5.89
C ALA A 771 34.93 -4.51 6.03
N LYS A 772 33.83 -4.53 5.29
CA LYS A 772 32.71 -3.67 5.64
C LYS A 772 31.61 -4.50 6.31
N HIS A 773 30.82 -3.85 7.15
CA HIS A 773 29.79 -4.59 7.87
C HIS A 773 28.66 -3.75 8.36
N GLU A 774 27.46 -4.20 8.01
CA GLU A 774 26.21 -3.67 8.50
C GLU A 774 25.77 -4.52 9.68
N THR A 775 25.09 -3.90 10.65
CA THR A 775 24.20 -4.67 11.52
C THR A 775 22.79 -4.33 11.07
N VAL A 776 21.96 -5.36 11.04
CA VAL A 776 20.68 -5.30 10.35
C VAL A 776 19.54 -5.79 11.25
N ASN A 777 18.62 -4.89 11.58
CA ASN A 777 17.40 -5.25 12.33
C ASN A 777 16.22 -4.90 11.49
N VAL A 778 15.39 -5.89 11.20
CA VAL A 778 14.27 -5.69 10.32
C VAL A 778 13.10 -6.33 10.99
N PRO A 779 12.05 -5.54 11.26
CA PRO A 779 10.80 -6.11 11.76
C PRO A 779 10.10 -6.86 10.66
N GLY A 780 9.25 -7.82 11.02
CA GLY A 780 8.39 -8.50 10.06
C GLY A 780 7.21 -7.63 9.64
N THR A 781 6.49 -8.08 8.60
CA THR A 781 5.24 -7.46 8.16
C THR A 781 4.17 -8.55 7.90
N GLY A 782 2.89 -8.18 8.05
CA GLY A 782 1.76 -9.13 8.05
C GLY A 782 1.23 -9.69 6.73
N SER A 783 0.34 -8.92 6.07
CA SER A 783 -0.37 -9.30 4.82
C SER A 783 -1.07 -10.68 4.86
N SER A 822 17.92 2.93 13.08
CA SER A 822 18.28 1.58 13.51
C SER A 822 17.48 0.47 12.79
N ALA A 823 16.15 0.57 12.81
CA ALA A 823 15.32 -0.45 12.16
C ALA A 823 15.30 -0.26 10.64
N HIS A 824 15.53 -1.35 9.90
CA HIS A 824 15.37 -1.36 8.43
C HIS A 824 13.89 -1.29 8.11
N HIS A 825 13.48 -0.30 7.33
CA HIS A 825 12.07 -0.21 6.91
C HIS A 825 11.78 -1.14 5.71
N SER A 826 12.86 -1.64 5.08
CA SER A 826 12.76 -2.55 3.93
C SER A 826 13.33 -3.94 4.22
N HIS A 827 12.70 -4.93 3.63
CA HIS A 827 13.12 -6.32 3.73
C HIS A 827 14.22 -6.69 2.74
N HIS A 828 14.31 -5.92 1.66
CA HIS A 828 15.43 -6.07 0.75
C HIS A 828 16.66 -5.45 1.39
N PHE A 829 17.77 -6.16 1.37
CA PHE A 829 19.02 -5.52 1.72
C PHE A 829 20.00 -5.66 0.56
N SER A 830 21.07 -4.88 0.61
CA SER A 830 22.14 -5.02 -0.35
C SER A 830 23.40 -4.43 0.25
N LEU A 831 24.53 -4.83 -0.31
CA LEU A 831 25.81 -4.42 0.19
C LEU A 831 26.81 -4.58 -0.92
N ASP A 832 27.66 -3.57 -1.06
CA ASP A 832 28.50 -3.45 -2.23
C ASP A 832 29.99 -3.58 -1.86
N ILE A 833 30.78 -4.12 -2.79
CA ILE A 833 32.22 -4.22 -2.59
C ILE A 833 32.85 -4.08 -3.95
N ASP A 834 34.13 -3.70 -3.98
CA ASP A 834 34.79 -3.37 -5.24
C ASP A 834 36.05 -4.16 -5.40
N VAL A 835 36.20 -4.73 -6.58
CA VAL A 835 37.37 -5.54 -6.91
C VAL A 835 38.42 -4.66 -7.60
N GLY A 836 39.66 -4.76 -7.16
CA GLY A 836 40.75 -4.09 -7.83
C GLY A 836 41.25 -5.04 -8.90
N SER A 837 42.55 -5.28 -8.89
CA SER A 837 43.12 -6.24 -9.81
C SER A 837 42.82 -7.58 -9.23
N THR A 838 42.40 -8.52 -10.09
CA THR A 838 42.34 -9.92 -9.69
C THR A 838 43.68 -10.60 -9.94
N ASP A 839 44.11 -11.38 -8.97
CA ASP A 839 45.33 -12.18 -9.04
C ASP A 839 45.02 -13.57 -8.47
N LEU A 840 45.02 -14.59 -9.33
CA LEU A 840 44.66 -15.95 -8.90
C LEU A 840 45.66 -16.52 -7.90
N ASN A 841 46.93 -16.13 -8.05
CA ASN A 841 48.00 -16.57 -7.15
C ASN A 841 47.83 -16.11 -5.70
N GLU A 842 47.44 -14.85 -5.52
CA GLU A 842 47.18 -14.29 -4.18
C GLU A 842 45.83 -14.73 -3.62
N ASP A 843 44.83 -14.91 -4.49
CA ASP A 843 43.58 -15.61 -4.18
C ASP A 843 42.67 -15.00 -3.08
N LEU A 844 42.65 -13.67 -2.99
CA LEU A 844 41.80 -12.97 -2.04
C LEU A 844 40.33 -13.42 -1.96
N GLY A 845 39.63 -13.34 -3.09
CA GLY A 845 38.21 -13.67 -3.17
C GLY A 845 37.38 -12.70 -2.35
N VAL A 846 36.12 -13.02 -2.10
CA VAL A 846 35.34 -12.23 -1.16
C VAL A 846 34.67 -13.10 -0.11
N TRP A 847 34.93 -12.80 1.15
CA TRP A 847 34.26 -13.51 2.22
C TRP A 847 32.90 -12.87 2.46
N VAL A 848 31.90 -13.73 2.58
CA VAL A 848 30.52 -13.36 2.83
C VAL A 848 30.26 -14.04 4.14
N ILE A 849 29.84 -13.25 5.15
CA ILE A 849 29.64 -13.75 6.51
C ILE A 849 28.42 -13.15 7.16
N PHE A 850 27.56 -14.05 7.67
CA PHE A 850 26.40 -13.66 8.46
C PHE A 850 26.67 -14.10 9.88
N LYS A 851 26.50 -13.18 10.83
CA LYS A 851 26.88 -13.44 12.21
C LYS A 851 25.83 -12.92 13.20
N ILE A 852 25.60 -13.67 14.27
CA ILE A 852 24.75 -13.23 15.38
C ILE A 852 25.48 -13.63 16.67
N LYS A 853 25.85 -12.64 17.49
CA LYS A 853 26.69 -12.90 18.66
C LYS A 853 26.00 -12.57 19.98
N THR A 854 24.69 -12.36 19.93
CA THR A 854 23.88 -12.03 21.10
C THR A 854 22.81 -13.11 21.32
N GLN A 855 22.13 -13.08 22.47
CA GLN A 855 21.25 -14.19 22.80
C GLN A 855 19.85 -14.03 22.27
N ASP A 856 19.19 -12.95 22.67
CA ASP A 856 18.04 -12.46 21.95
C ASP A 856 18.73 -12.20 20.63
N GLY A 857 18.19 -12.69 19.53
CA GLY A 857 18.97 -12.53 18.30
C GLY A 857 18.59 -13.60 17.32
N HIS A 858 18.41 -13.20 16.06
CA HIS A 858 17.76 -14.04 15.08
C HIS A 858 17.75 -13.44 13.66
N ALA A 859 17.41 -14.26 12.69
CA ALA A 859 17.21 -13.79 11.32
C ALA A 859 16.56 -14.87 10.48
N ARG A 860 15.79 -14.43 9.49
CA ARG A 860 15.17 -15.32 8.51
C ARG A 860 15.39 -14.72 7.16
N LEU A 861 16.23 -15.37 6.37
CA LEU A 861 16.59 -14.80 5.11
C LEU A 861 16.72 -15.86 4.02
N GLY A 862 16.65 -15.42 2.77
CA GLY A 862 16.87 -16.28 1.64
C GLY A 862 16.95 -15.43 0.40
N ASN A 863 16.97 -16.10 -0.75
CA ASN A 863 17.01 -15.44 -2.02
C ASN A 863 18.28 -14.61 -2.12
N LEU A 864 19.37 -15.19 -1.65
CA LEU A 864 20.63 -14.50 -1.58
C LEU A 864 21.37 -14.56 -2.92
N GLU A 865 21.82 -13.40 -3.39
CA GLU A 865 22.60 -13.33 -4.60
C GLU A 865 23.90 -12.65 -4.28
N PHE A 866 24.94 -13.08 -4.97
CA PHE A 866 26.16 -12.30 -5.09
C PHE A 866 26.33 -12.03 -6.57
N LEU A 867 26.34 -10.77 -6.96
CA LEU A 867 26.35 -10.54 -8.39
C LEU A 867 27.23 -9.42 -8.86
N GLU A 868 27.59 -9.50 -10.13
CA GLU A 868 28.29 -8.43 -10.82
C GLU A 868 27.31 -7.31 -11.12
N GLU A 869 27.68 -6.09 -10.75
CA GLU A 869 26.81 -4.96 -10.99
C GLU A 869 27.27 -4.09 -12.15
N LYS A 870 28.38 -3.38 -11.96
CA LYS A 870 28.80 -2.34 -12.88
C LYS A 870 30.31 -2.26 -12.85
N PRO A 871 30.94 -1.76 -13.93
CA PRO A 871 32.39 -1.59 -13.88
C PRO A 871 32.71 -0.32 -13.12
N LEU A 872 33.90 -0.24 -12.56
CA LEU A 872 34.29 0.91 -11.72
C LEU A 872 34.92 2.03 -12.50
N VAL A 873 34.45 3.22 -12.18
CA VAL A 873 34.74 4.42 -12.92
C VAL A 873 35.02 5.55 -11.90
N GLY A 874 35.80 6.55 -12.30
CA GLY A 874 35.97 7.80 -11.53
C GLY A 874 36.45 7.58 -10.11
N GLU A 875 35.74 8.18 -9.14
CA GLU A 875 36.20 8.13 -7.74
C GLU A 875 36.28 6.70 -7.24
N ALA A 876 35.22 5.92 -7.44
CA ALA A 876 35.19 4.52 -6.97
C ALA A 876 36.46 3.77 -7.40
N LEU A 877 36.89 3.97 -8.64
CA LEU A 877 38.11 3.37 -9.13
C LEU A 877 39.34 3.77 -8.31
N ALA A 878 39.51 5.07 -8.09
CA ALA A 878 40.67 5.55 -7.37
C ALA A 878 40.63 5.19 -5.89
N ARG A 879 39.43 4.98 -5.37
CA ARG A 879 39.29 4.49 -4.03
C ARG A 879 39.76 3.03 -3.99
N VAL A 880 39.33 2.22 -4.98
CA VAL A 880 39.71 0.82 -4.92
C VAL A 880 41.23 0.65 -5.06
N LYS A 881 41.84 1.42 -5.98
CA LYS A 881 43.30 1.39 -6.20
C LYS A 881 44.02 1.73 -4.90
N ARG A 882 43.47 2.68 -4.14
CA ARG A 882 43.98 3.02 -2.83
C ARG A 882 43.79 1.92 -1.82
N ALA A 883 42.71 1.14 -1.95
CA ALA A 883 42.41 0.12 -0.94
C ALA A 883 43.34 -1.08 -1.06
N GLU A 884 43.54 -1.50 -2.31
CA GLU A 884 44.42 -2.60 -2.67
C GLU A 884 45.85 -2.22 -2.37
N LYS A 885 46.25 -1.04 -2.83
CA LYS A 885 47.58 -0.55 -2.58
C LYS A 885 47.85 -0.60 -1.08
N LYS A 886 46.84 -0.29 -0.29
CA LYS A 886 46.98 -0.14 1.16
C LYS A 886 47.04 -1.50 1.86
N TRP A 887 46.30 -2.44 1.32
CA TRP A 887 46.30 -3.82 1.79
C TRP A 887 47.64 -4.48 1.39
N ARG A 888 48.07 -4.21 0.16
CA ARG A 888 49.40 -4.60 -0.34
C ARG A 888 50.55 -4.17 0.61
N ASP A 889 50.49 -2.92 1.09
CA ASP A 889 51.48 -2.38 2.02
C ASP A 889 51.34 -3.00 3.41
N LYS A 890 50.09 -3.29 3.79
CA LYS A 890 49.84 -4.01 5.03
C LYS A 890 50.37 -5.43 4.99
N ARG A 891 50.32 -6.08 3.83
CA ARG A 891 50.89 -7.44 3.75
C ARG A 891 52.38 -7.46 3.92
N GLU A 892 53.11 -6.74 3.06
CA GLU A 892 54.57 -6.59 3.21
C GLU A 892 54.98 -6.41 4.67
N LYS A 893 54.33 -5.45 5.35
CA LYS A 893 54.53 -5.25 6.76
C LYS A 893 54.34 -6.55 7.52
N LEU A 894 53.12 -7.10 7.46
CA LEU A 894 52.78 -8.36 8.11
C LEU A 894 53.77 -9.47 7.81
N GLU A 895 54.19 -9.57 6.55
CA GLU A 895 55.10 -10.61 6.04
C GLU A 895 56.51 -10.44 6.58
N TRP A 896 56.84 -9.23 7.00
CA TRP A 896 58.12 -8.88 7.58
C TRP A 896 58.11 -9.21 9.07
N GLU A 897 57.13 -8.67 9.79
CA GLU A 897 56.97 -8.93 11.23
C GLU A 897 56.79 -10.42 11.55
N THR A 898 56.19 -11.14 10.63
CA THR A 898 55.99 -12.57 10.82
C THR A 898 57.29 -13.41 10.67
N ASN A 899 58.30 -12.86 10.01
CA ASN A 899 59.56 -13.58 9.87
C ASN A 899 60.35 -13.51 11.15
N ILE A 900 60.27 -12.36 11.80
CA ILE A 900 60.85 -12.15 13.12
C ILE A 900 60.19 -13.09 14.11
N VAL A 901 58.90 -12.88 14.37
CA VAL A 901 58.20 -13.56 15.45
C VAL A 901 58.25 -15.08 15.31
N TYR A 902 57.98 -15.59 14.11
CA TYR A 902 58.01 -17.04 13.90
C TYR A 902 59.35 -17.62 14.33
N LYS A 903 60.44 -17.02 13.84
CA LYS A 903 61.77 -17.38 14.27
C LYS A 903 61.81 -17.43 15.81
N GLU A 904 61.47 -16.30 16.43
CA GLU A 904 61.47 -16.19 17.87
C GLU A 904 60.68 -17.30 18.56
N ALA A 905 59.40 -17.42 18.22
CA ALA A 905 58.53 -18.47 18.75
C ALA A 905 59.03 -19.88 18.45
N LYS A 906 59.51 -20.13 17.23
CA LYS A 906 59.96 -21.48 16.84
C LYS A 906 61.20 -21.94 17.62
N GLU A 907 62.08 -20.99 17.97
CA GLU A 907 63.29 -21.26 18.74
C GLU A 907 62.89 -21.49 20.20
N SER A 908 61.93 -20.71 20.70
CA SER A 908 61.42 -20.90 22.06
C SER A 908 60.73 -22.23 22.16
N VAL A 909 60.11 -22.66 21.07
CA VAL A 909 59.46 -23.94 21.04
C VAL A 909 60.51 -25.00 21.11
N ASP A 910 61.55 -24.89 20.28
CA ASP A 910 62.59 -25.88 20.23
C ASP A 910 63.36 -26.04 21.54
N ALA A 911 63.67 -24.92 22.20
CA ALA A 911 64.38 -24.93 23.47
C ALA A 911 63.67 -25.81 24.53
N LEU A 912 62.38 -26.06 24.33
CA LEU A 912 61.62 -26.90 25.25
C LEU A 912 61.99 -28.38 25.10
N PHE A 913 62.45 -28.77 23.93
CA PHE A 913 62.57 -30.20 23.61
C PHE A 913 64.01 -30.67 23.60
N VAL A 914 64.16 -31.97 23.82
CA VAL A 914 65.47 -32.61 23.83
C VAL A 914 65.96 -32.70 22.38
N ASN A 915 65.26 -32.00 21.49
CA ASN A 915 65.71 -31.80 20.12
C ASN A 915 65.43 -33.03 19.23
N SER A 916 65.70 -34.23 19.76
CA SER A 916 65.34 -35.48 19.09
C SER A 916 63.84 -35.52 18.85
N GLN A 917 63.47 -35.32 17.58
CA GLN A 917 62.11 -34.99 17.10
C GLN A 917 60.87 -35.12 17.99
N TYR A 918 60.72 -34.14 18.89
CA TYR A 918 59.49 -33.95 19.70
C TYR A 918 59.13 -35.13 20.59
N ASP A 919 60.17 -35.88 20.92
CA ASP A 919 60.11 -37.06 21.77
C ASP A 919 60.04 -36.62 23.23
N GLN A 920 60.94 -35.73 23.64
CA GLN A 920 61.18 -35.45 25.06
C GLN A 920 61.35 -33.97 25.43
N LEU A 921 60.97 -33.60 26.64
CA LEU A 921 61.25 -32.29 27.17
C LEU A 921 62.63 -32.29 27.82
N GLN A 922 63.41 -31.22 27.64
CA GLN A 922 64.64 -31.08 28.44
C GLN A 922 64.25 -31.31 29.89
N ALA A 923 65.13 -31.97 30.64
CA ALA A 923 64.86 -32.30 32.03
C ALA A 923 64.50 -31.04 32.83
N ASP A 924 65.13 -29.93 32.47
CA ASP A 924 64.97 -28.76 33.27
C ASP A 924 64.10 -27.67 32.61
N THR A 925 63.27 -28.03 31.62
CA THR A 925 62.29 -27.07 31.16
C THR A 925 61.04 -27.19 32.02
N ASN A 926 60.59 -26.06 32.54
CA ASN A 926 59.43 -26.01 33.39
C ASN A 926 58.22 -25.44 32.66
N ILE A 927 57.11 -25.32 33.37
CA ILE A 927 55.83 -24.98 32.76
C ILE A 927 55.82 -23.54 32.29
N ALA A 928 56.28 -22.62 33.15
CA ALA A 928 56.39 -21.20 32.82
C ALA A 928 57.09 -20.99 31.48
N MET A 929 58.09 -21.82 31.23
CA MET A 929 58.78 -21.84 29.93
C MET A 929 57.80 -22.26 28.83
N ILE A 930 57.11 -23.39 29.02
CA ILE A 930 56.10 -23.83 28.05
C ILE A 930 55.10 -22.71 27.84
N HIS A 931 54.65 -22.10 28.93
CA HIS A 931 53.75 -20.98 28.88
C HIS A 931 54.33 -19.76 28.19
N ALA A 932 55.59 -19.44 28.48
CA ALA A 932 56.26 -18.35 27.79
C ALA A 932 56.40 -18.60 26.30
N ALA A 933 56.66 -19.85 25.90
CA ALA A 933 56.80 -20.17 24.47
C ALA A 933 55.45 -20.01 23.79
N ASP A 934 54.43 -20.55 24.42
CA ASP A 934 53.04 -20.40 24.02
C ASP A 934 52.64 -18.98 23.70
N LYS A 935 52.96 -18.04 24.60
CA LYS A 935 52.70 -16.61 24.37
C LYS A 935 53.49 -16.02 23.19
N ARG A 936 54.59 -16.67 22.79
CA ARG A 936 55.34 -16.17 21.64
C ARG A 936 54.70 -16.69 20.36
N VAL A 937 54.05 -17.85 20.47
CA VAL A 937 53.24 -18.41 19.38
C VAL A 937 51.99 -17.56 19.16
N HIS A 938 51.30 -17.22 20.26
CA HIS A 938 50.04 -16.50 20.21
C HIS A 938 50.19 -15.01 19.96
N SER A 939 51.42 -14.57 19.76
CA SER A 939 51.67 -13.22 19.31
C SER A 939 51.78 -13.23 17.78
N ILE A 940 51.10 -14.19 17.16
CA ILE A 940 51.05 -14.29 15.70
C ILE A 940 49.69 -13.78 15.18
N ARG A 941 49.77 -12.81 14.28
CA ARG A 941 48.70 -11.82 14.10
C ARG A 941 47.53 -12.12 13.15
N GLU A 942 47.74 -12.98 12.16
CA GLU A 942 46.61 -13.27 11.29
C GLU A 942 46.49 -14.75 11.03
N ALA A 943 46.68 -15.52 12.09
CA ALA A 943 46.45 -16.96 11.99
C ALA A 943 44.98 -17.19 11.71
N TYR A 944 44.15 -16.28 12.21
CA TYR A 944 42.71 -16.35 12.07
C TYR A 944 42.12 -15.01 11.76
N LEU A 945 41.11 -15.04 10.91
CA LEU A 945 40.37 -13.84 10.54
C LEU A 945 39.67 -13.25 11.75
N PRO A 946 39.96 -11.97 12.04
CA PRO A 946 39.42 -11.24 13.21
C PRO A 946 37.90 -11.33 13.29
N GLU A 947 37.24 -11.08 12.17
CA GLU A 947 35.79 -11.07 12.10
C GLU A 947 35.16 -12.41 12.52
N LEU A 948 35.72 -13.51 12.06
CA LEU A 948 35.25 -14.85 12.41
C LEU A 948 36.42 -15.81 12.43
N SER A 949 36.85 -16.18 13.62
CA SER A 949 38.14 -16.84 13.76
C SER A 949 38.14 -18.34 13.40
N VAL A 950 37.14 -18.78 12.65
CA VAL A 950 37.15 -20.14 12.12
C VAL A 950 37.72 -20.08 10.71
N ILE A 951 37.82 -18.86 10.19
CA ILE A 951 38.30 -18.65 8.84
C ILE A 951 39.80 -18.45 8.90
N PRO A 952 40.55 -19.38 8.30
CA PRO A 952 42.00 -19.33 8.40
C PRO A 952 42.48 -18.05 7.77
N GLY A 953 43.56 -17.48 8.31
CA GLY A 953 44.18 -16.30 7.76
C GLY A 953 45.46 -16.66 7.06
N VAL A 954 46.22 -15.63 6.71
CA VAL A 954 47.47 -15.76 5.98
C VAL A 954 48.40 -16.74 6.67
N ASN A 955 48.36 -16.69 8.00
CA ASN A 955 49.27 -17.38 8.90
C ASN A 955 48.68 -18.60 9.62
N ALA A 956 47.61 -19.17 9.07
CA ALA A 956 46.98 -20.33 9.71
C ALA A 956 47.90 -21.53 9.70
N ALA A 957 48.54 -21.79 8.55
CA ALA A 957 49.50 -22.90 8.40
C ALA A 957 50.57 -22.93 9.49
N ILE A 958 51.32 -21.83 9.63
CA ILE A 958 52.46 -21.79 10.54
C ILE A 958 52.09 -21.72 12.02
N PHE A 959 51.02 -21.02 12.36
CA PHE A 959 50.53 -20.97 13.74
C PHE A 959 50.14 -22.36 14.20
N GLU A 960 49.45 -23.08 13.33
CA GLU A 960 48.90 -24.37 13.66
C GLU A 960 49.95 -25.40 14.02
N GLU A 961 51.03 -25.47 13.26
CA GLU A 961 52.09 -26.42 13.55
C GLU A 961 52.73 -26.10 14.89
N LEU A 962 53.00 -24.82 15.16
CA LEU A 962 53.67 -24.47 16.40
C LEU A 962 52.81 -24.75 17.64
N GLU A 963 51.53 -24.44 17.61
CA GLU A 963 50.69 -24.69 18.77
C GLU A 963 50.56 -26.18 19.10
N GLY A 964 50.69 -27.03 18.09
CA GLY A 964 50.62 -28.47 18.27
C GLY A 964 51.89 -28.99 18.92
N ARG A 965 53.01 -28.36 18.58
CA ARG A 965 54.25 -28.65 19.26
C ARG A 965 54.10 -28.26 20.74
N ILE A 966 53.38 -27.15 20.98
CA ILE A 966 53.04 -26.74 22.34
C ILE A 966 52.09 -27.70 23.07
N PHE A 967 51.10 -28.23 22.35
CA PHE A 967 50.15 -29.11 23.02
C PHE A 967 50.85 -30.41 23.27
N THR A 968 51.78 -30.77 22.41
CA THR A 968 52.61 -31.94 22.64
C THR A 968 53.36 -31.75 23.97
N ALA A 969 54.08 -30.63 24.04
CA ALA A 969 54.82 -30.19 25.22
C ALA A 969 54.05 -30.25 26.55
N PHE A 970 52.81 -29.74 26.59
CA PHE A 970 52.01 -29.86 27.83
C PHE A 970 51.72 -31.33 28.16
N SER A 971 51.49 -32.11 27.11
CA SER A 971 51.23 -33.53 27.27
C SER A 971 52.41 -34.23 27.92
N LEU A 972 53.62 -33.80 27.51
CA LEU A 972 54.83 -34.43 28.01
C LEU A 972 55.06 -33.99 29.43
N TYR A 973 54.78 -32.72 29.70
CA TYR A 973 54.93 -32.19 31.06
C TYR A 973 54.16 -33.04 32.02
N ASP A 974 52.94 -33.39 31.62
CA ASP A 974 52.03 -34.14 32.44
C ASP A 974 52.46 -35.61 32.64
N ALA A 975 52.72 -36.33 31.54
CA ALA A 975 53.10 -37.75 31.63
C ALA A 975 54.29 -37.98 32.58
N ARG A 976 55.28 -37.08 32.55
CA ARG A 976 56.50 -37.30 33.31
C ARG A 976 56.38 -36.91 34.80
N ASN A 977 55.43 -36.03 35.10
CA ASN A 977 55.16 -35.65 36.48
C ASN A 977 54.67 -36.88 37.24
N VAL A 978 55.50 -37.34 38.16
CA VAL A 978 55.15 -38.46 39.03
C VAL A 978 53.95 -38.11 39.95
N ILE A 979 53.65 -36.80 40.05
CA ILE A 979 52.47 -36.32 40.79
C ILE A 979 51.25 -36.36 39.88
N LYS A 980 50.20 -37.00 40.35
CA LYS A 980 48.92 -36.91 39.68
C LYS A 980 48.43 -35.48 39.85
N ASN A 981 47.90 -34.90 38.78
CA ASN A 981 47.21 -33.61 38.81
C ASN A 981 47.99 -32.49 39.51
N GLY A 982 49.26 -32.36 39.14
CA GLY A 982 50.17 -31.36 39.75
C GLY A 982 50.01 -29.99 39.12
N ASP A 983 49.17 -29.93 38.09
CA ASP A 983 48.90 -28.72 37.32
C ASP A 983 47.62 -28.04 37.76
N PHE A 984 46.73 -28.82 38.39
CA PHE A 984 45.38 -28.36 38.79
C PHE A 984 44.43 -28.20 37.62
N ASN A 985 44.81 -28.86 36.53
CA ASN A 985 44.05 -28.95 35.32
C ASN A 985 42.79 -29.80 35.50
N ASN A 986 42.77 -30.65 36.52
CA ASN A 986 41.52 -31.33 36.89
C ASN A 986 41.05 -30.90 38.27
N GLY A 987 40.90 -29.59 38.44
CA GLY A 987 40.63 -29.06 39.75
C GLY A 987 41.48 -29.77 40.78
N LEU A 988 40.80 -30.42 41.73
CA LEU A 988 41.46 -30.89 42.95
C LEU A 988 41.55 -32.40 43.10
N SER A 989 41.08 -33.13 42.10
CA SER A 989 41.18 -34.58 42.10
C SER A 989 42.63 -35.03 42.26
N SER A 990 42.78 -36.16 42.96
CA SER A 990 44.07 -36.72 43.37
C SER A 990 44.72 -35.91 44.48
N TRP A 991 44.05 -34.86 44.96
CA TRP A 991 44.50 -34.06 46.12
C TRP A 991 43.59 -34.17 47.34
N ASN A 992 44.21 -34.23 48.53
CA ASN A 992 43.48 -34.27 49.79
C ASN A 992 43.48 -32.87 50.39
N VAL A 993 42.29 -32.33 50.64
CA VAL A 993 42.12 -30.93 51.03
C VAL A 993 41.49 -30.79 52.40
N LYS A 994 42.09 -29.94 53.24
CA LYS A 994 41.67 -29.76 54.64
C LYS A 994 40.78 -28.54 54.88
N GLY A 995 41.20 -27.38 54.39
CA GLY A 995 40.43 -26.14 54.58
C GLY A 995 39.67 -25.73 53.34
N HIS A 996 39.53 -24.41 53.16
CA HIS A 996 38.83 -23.87 52.00
C HIS A 996 39.84 -23.37 50.99
N VAL A 997 39.84 -24.05 49.85
CA VAL A 997 40.78 -23.84 48.77
C VAL A 997 40.04 -23.90 47.43
N ASP A 998 40.54 -23.14 46.45
CA ASP A 998 39.92 -23.14 45.12
C ASP A 998 40.91 -23.14 43.97
N VAL A 999 40.51 -23.78 42.89
CA VAL A 999 41.29 -23.83 41.67
C VAL A 999 40.59 -22.99 40.61
N GLU A 1000 41.27 -21.97 40.13
CA GLU A 1000 40.67 -21.06 39.19
C GLU A 1000 41.51 -20.93 37.95
N GLU A 1001 40.84 -20.87 36.79
CA GLU A 1001 41.51 -20.73 35.49
C GLU A 1001 41.79 -19.28 35.29
N GLN A 1002 42.95 -18.97 34.70
CA GLN A 1002 43.43 -17.57 34.70
C GLN A 1002 43.87 -17.00 33.35
N ASN A 1003 44.64 -17.79 32.60
CA ASN A 1003 45.13 -17.37 31.27
C ASN A 1003 45.08 -18.53 30.31
N ASN A 1004 43.96 -18.62 29.59
CA ASN A 1004 43.67 -19.77 28.74
C ASN A 1004 43.39 -20.93 29.67
N GLN A 1005 43.60 -22.15 29.17
CA GLN A 1005 43.39 -23.38 29.94
C GLN A 1005 44.16 -23.45 31.30
N ARG A 1006 45.24 -22.66 31.44
CA ARG A 1006 46.09 -22.58 32.67
C ARG A 1006 45.36 -22.49 34.01
N SER A 1007 45.47 -23.54 34.81
CA SER A 1007 44.73 -23.63 36.09
C SER A 1007 45.66 -23.39 37.26
N VAL A 1008 45.21 -22.58 38.21
CA VAL A 1008 46.00 -22.31 39.42
C VAL A 1008 45.29 -22.65 40.72
N LEU A 1009 46.07 -23.17 41.67
CA LEU A 1009 45.62 -23.44 43.03
C LEU A 1009 45.75 -22.17 43.84
N VAL A 1010 44.65 -21.76 44.48
CA VAL A 1010 44.67 -20.61 45.36
C VAL A 1010 44.54 -21.04 46.80
N VAL A 1011 45.61 -20.82 47.57
CA VAL A 1011 45.57 -20.96 49.02
C VAL A 1011 45.33 -19.57 49.61
N PRO A 1012 44.08 -19.31 50.07
CA PRO A 1012 43.67 -18.02 50.57
C PRO A 1012 43.91 -17.82 52.08
N GLU A 1013 44.13 -18.91 52.80
CA GLU A 1013 44.23 -18.87 54.27
C GLU A 1013 45.19 -19.91 54.81
N TRP A 1014 45.87 -19.56 55.88
CA TRP A 1014 46.94 -20.40 56.41
C TRP A 1014 46.50 -21.76 57.01
N GLU A 1015 45.24 -21.86 57.41
CA GLU A 1015 44.73 -23.09 58.00
C GLU A 1015 44.47 -24.21 56.96
N ALA A 1016 44.40 -23.84 55.68
CA ALA A 1016 44.15 -24.79 54.59
C ALA A 1016 45.37 -25.67 54.26
N GLU A 1017 45.11 -26.88 53.78
CA GLU A 1017 46.15 -27.87 53.57
C GLU A 1017 45.77 -28.81 52.42
N VAL A 1018 46.51 -28.70 51.33
CA VAL A 1018 46.34 -29.56 50.17
C VAL A 1018 47.53 -30.53 50.17
N SER A 1019 47.26 -31.84 50.09
CA SER A 1019 48.36 -32.81 50.20
C SER A 1019 48.13 -34.07 49.37
N GLN A 1020 49.22 -34.69 48.98
CA GLN A 1020 49.14 -35.87 48.17
C GLN A 1020 50.24 -36.85 48.55
N GLU A 1021 49.85 -38.10 48.76
CA GLU A 1021 50.78 -39.18 49.03
C GLU A 1021 51.21 -39.74 47.70
N VAL A 1022 52.51 -39.84 47.51
CA VAL A 1022 53.08 -40.26 46.24
C VAL A 1022 54.01 -41.47 46.46
N ARG A 1023 53.95 -42.43 45.55
CA ARG A 1023 54.88 -43.56 45.59
C ARG A 1023 56.15 -43.28 44.78
N VAL A 1024 57.26 -43.74 45.33
CA VAL A 1024 58.57 -43.40 44.78
C VAL A 1024 59.44 -44.63 44.82
N SER A 1025 60.63 -44.53 44.21
CA SER A 1025 61.61 -45.60 44.27
C SER A 1025 62.70 -45.24 45.25
N PRO A 1026 62.76 -45.97 46.38
CA PRO A 1026 63.80 -45.67 47.37
C PRO A 1026 65.16 -45.82 46.69
N GLY A 1027 66.10 -44.93 46.99
CA GLY A 1027 67.41 -44.98 46.38
C GLY A 1027 67.55 -44.12 45.15
N ARG A 1028 66.48 -43.95 44.38
CA ARG A 1028 66.57 -43.07 43.21
C ARG A 1028 66.67 -41.62 43.67
N GLY A 1029 66.75 -40.69 42.71
CA GLY A 1029 66.76 -39.26 43.02
C GLY A 1029 65.70 -38.48 42.27
N TYR A 1030 65.06 -37.55 42.96
CA TYR A 1030 63.97 -36.82 42.37
C TYR A 1030 64.18 -35.31 42.44
N ILE A 1031 63.49 -34.60 41.56
CA ILE A 1031 63.50 -33.17 41.49
C ILE A 1031 62.11 -32.69 41.81
N LEU A 1032 61.99 -31.91 42.89
CA LEU A 1032 60.73 -31.28 43.24
C LEU A 1032 60.72 -29.84 42.76
N ARG A 1033 59.91 -29.57 41.74
CA ARG A 1033 59.83 -28.25 41.15
C ARG A 1033 58.46 -27.69 41.42
N VAL A 1034 58.43 -26.45 41.89
CA VAL A 1034 57.20 -25.70 42.14
C VAL A 1034 57.24 -24.41 41.34
N THR A 1035 56.12 -24.07 40.71
CA THR A 1035 55.93 -22.78 40.04
C THR A 1035 54.72 -22.07 40.64
N ALA A 1036 54.96 -20.95 41.33
CA ALA A 1036 53.94 -20.34 42.14
C ALA A 1036 54.34 -18.91 42.43
N TYR A 1037 53.49 -18.17 43.14
CA TYR A 1037 53.91 -16.91 43.79
C TYR A 1037 53.10 -16.54 45.02
N LYS A 1038 53.55 -15.50 45.71
CA LYS A 1038 53.04 -15.15 47.01
C LYS A 1038 52.44 -13.77 47.02
N GLU A 1039 51.13 -13.73 47.27
CA GLU A 1039 50.39 -12.48 47.55
C GLU A 1039 50.55 -12.13 49.03
N GLY A 1040 50.95 -10.90 49.29
CA GLY A 1040 50.86 -10.31 50.62
C GLY A 1040 51.99 -10.71 51.54
N TYR A 1041 51.67 -10.79 52.84
CA TYR A 1041 52.66 -11.12 53.86
C TYR A 1041 52.98 -12.61 53.95
N GLY A 1042 54.06 -12.95 54.65
CA GLY A 1042 54.35 -14.34 54.92
C GLY A 1042 54.80 -15.19 53.76
N GLU A 1043 54.94 -16.49 53.99
CA GLU A 1043 55.59 -17.38 53.04
C GLU A 1043 54.77 -18.62 52.70
N GLY A 1044 54.73 -18.95 51.42
CA GLY A 1044 54.02 -20.12 50.96
C GLY A 1044 54.96 -21.28 50.86
N SER A 1045 54.48 -22.47 51.18
CA SER A 1045 55.38 -23.58 51.24
C SER A 1045 54.82 -24.76 50.51
N VAL A 1046 55.70 -25.44 49.80
CA VAL A 1046 55.46 -26.81 49.46
C VAL A 1046 56.57 -27.57 50.14
N THR A 1047 56.20 -28.58 50.93
CA THR A 1047 57.17 -29.38 51.66
C THR A 1047 57.01 -30.84 51.26
N ILE A 1048 58.00 -31.67 51.55
CA ILE A 1048 58.00 -33.08 51.13
C ILE A 1048 58.68 -33.95 52.19
N HIS A 1049 58.16 -35.16 52.42
CA HIS A 1049 58.66 -35.97 53.53
C HIS A 1049 58.26 -37.43 53.49
N GLU A 1050 58.96 -38.22 54.28
CA GLU A 1050 58.61 -39.58 54.59
C GLU A 1050 58.33 -39.63 56.09
N ILE A 1051 57.97 -40.80 56.62
CA ILE A 1051 57.76 -40.92 58.09
C ILE A 1051 59.09 -40.64 58.79
N GLU A 1052 59.09 -39.60 59.65
CA GLU A 1052 60.27 -39.19 60.39
C GLU A 1052 61.26 -38.38 59.52
N ASN A 1053 62.55 -38.52 59.84
CA ASN A 1053 63.56 -37.52 59.48
C ASN A 1053 63.96 -37.52 58.00
N ASN A 1054 63.29 -36.68 57.20
CA ASN A 1054 63.63 -36.51 55.79
C ASN A 1054 62.78 -35.43 55.12
N THR A 1055 62.46 -34.38 55.87
CA THR A 1055 61.57 -33.34 55.34
C THR A 1055 62.34 -32.13 54.79
N ASP A 1056 62.01 -31.73 53.56
CA ASP A 1056 62.62 -30.60 52.85
C ASP A 1056 61.55 -29.68 52.28
N GLU A 1057 61.96 -28.47 51.85
CA GLU A 1057 61.01 -27.38 51.60
C GLU A 1057 61.34 -26.38 50.51
N LEU A 1058 60.31 -25.99 49.76
CA LEU A 1058 60.39 -24.87 48.85
C LEU A 1058 59.53 -23.70 49.36
N LYS A 1059 60.16 -22.55 49.54
CA LYS A 1059 59.49 -21.42 50.17
C LYS A 1059 59.36 -20.22 49.24
N PHE A 1060 58.20 -19.60 49.29
CA PHE A 1060 57.89 -18.47 48.45
C PHE A 1060 57.45 -17.31 49.32
N SER A 1061 58.18 -16.20 49.28
CA SER A 1061 57.74 -15.00 49.98
C SER A 1061 58.01 -13.76 49.17
N ASN A 1062 57.50 -12.62 49.67
CA ASN A 1062 57.94 -11.29 49.18
C ASN A 1062 57.62 -10.14 50.15
N PRO A 1138 53.37 -8.12 34.93
CA PRO A 1138 52.43 -7.89 36.04
C PRO A 1138 52.16 -9.15 36.92
N VAL A 1139 51.39 -10.13 36.43
CA VAL A 1139 51.25 -11.42 37.13
C VAL A 1139 52.17 -12.45 36.49
N GLY A 1140 53.23 -12.79 37.21
CA GLY A 1140 54.24 -13.74 36.76
C GLY A 1140 54.73 -14.60 37.91
N TYR A 1141 55.17 -15.81 37.58
CA TYR A 1141 55.49 -16.83 38.56
C TYR A 1141 56.98 -17.05 38.74
N VAL A 1142 57.38 -17.48 39.94
CA VAL A 1142 58.76 -17.91 40.19
C VAL A 1142 58.82 -19.44 40.18
N THR A 1143 59.94 -19.99 39.73
CA THR A 1143 60.16 -21.43 39.74
C THR A 1143 61.33 -21.77 40.62
N LYS A 1144 61.08 -22.57 41.65
CA LYS A 1144 62.12 -23.10 42.53
C LYS A 1144 62.14 -24.62 42.42
N GLU A 1145 63.25 -25.21 42.87
CA GLU A 1145 63.35 -26.65 42.93
C GLU A 1145 64.33 -27.11 43.98
N LEU A 1146 64.39 -28.43 44.14
CA LEU A 1146 65.39 -29.07 45.01
C LEU A 1146 65.52 -30.56 44.66
N GLU A 1147 66.56 -31.21 45.17
CA GLU A 1147 66.81 -32.61 44.90
C GLU A 1147 66.40 -33.40 46.11
N TYR A 1148 65.53 -34.39 45.91
CA TYR A 1148 65.06 -35.21 47.02
C TYR A 1148 65.37 -36.68 46.76
N PHE A 1149 65.67 -37.40 47.85
CA PHE A 1149 66.17 -38.78 47.83
C PHE A 1149 65.45 -39.59 48.88
N PRO A 1150 64.27 -40.11 48.52
CA PRO A 1150 63.53 -40.91 49.49
C PRO A 1150 64.31 -42.17 49.96
N GLU A 1151 64.32 -42.35 51.26
CA GLU A 1151 64.73 -43.58 51.92
C GLU A 1151 63.67 -44.69 51.77
N THR A 1152 62.41 -44.32 51.58
CA THR A 1152 61.29 -45.28 51.52
C THR A 1152 60.50 -45.23 50.21
N ASP A 1153 59.39 -45.99 50.17
CA ASP A 1153 58.56 -46.12 48.96
C ASP A 1153 57.40 -45.14 48.87
N LYS A 1154 57.19 -44.38 49.95
CA LYS A 1154 56.17 -43.31 50.00
C LYS A 1154 56.75 -41.94 50.34
N VAL A 1155 56.22 -40.93 49.69
CA VAL A 1155 56.55 -39.56 49.98
C VAL A 1155 55.25 -38.72 50.13
N TRP A 1156 55.33 -37.65 50.92
CA TRP A 1156 54.20 -36.73 51.07
C TRP A 1156 54.56 -35.33 50.57
N ILE A 1157 53.73 -34.82 49.64
CA ILE A 1157 53.81 -33.45 49.15
C ILE A 1157 52.69 -32.69 49.82
N GLU A 1158 53.00 -31.51 50.33
CA GLU A 1158 52.05 -30.73 51.13
C GLU A 1158 52.20 -29.26 50.86
N ILE A 1159 51.12 -28.64 50.38
CA ILE A 1159 51.12 -27.21 50.07
C ILE A 1159 50.45 -26.42 51.21
N GLY A 1160 51.05 -25.30 51.57
CA GLY A 1160 50.57 -24.53 52.70
C GLY A 1160 51.13 -23.14 52.70
N GLU A 1161 50.84 -22.39 53.75
CA GLU A 1161 51.22 -20.98 53.83
C GLU A 1161 51.06 -20.41 55.22
N THR A 1162 51.69 -19.26 55.41
CA THR A 1162 51.89 -18.67 56.69
C THR A 1162 50.76 -17.70 56.95
N GLU A 1163 50.31 -17.06 55.87
CA GLU A 1163 49.31 -15.98 55.89
C GLU A 1163 49.33 -15.37 54.49
N GLY A 1164 48.60 -14.28 54.26
CA GLY A 1164 48.34 -13.78 52.91
C GLY A 1164 47.69 -14.83 52.02
N THR A 1165 48.00 -14.77 50.73
CA THR A 1165 47.49 -15.73 49.74
C THR A 1165 48.63 -16.35 48.92
N PHE A 1166 48.46 -17.63 48.57
CA PHE A 1166 49.48 -18.38 47.86
C PHE A 1166 48.88 -19.02 46.61
N ILE A 1167 49.59 -18.87 45.48
CA ILE A 1167 49.05 -19.25 44.18
C ILE A 1167 50.02 -20.15 43.43
N VAL A 1168 49.60 -21.40 43.20
CA VAL A 1168 50.48 -22.40 42.63
C VAL A 1168 50.02 -22.87 41.24
N ASP A 1169 50.91 -22.71 40.28
CA ASP A 1169 50.61 -23.02 38.90
C ASP A 1169 50.71 -24.51 38.74
N SER A 1170 51.79 -25.06 39.26
CA SER A 1170 52.14 -26.44 39.03
C SER A 1170 53.14 -26.92 40.06
N VAL A 1171 53.00 -28.19 40.42
CA VAL A 1171 53.92 -28.86 41.31
C VAL A 1171 54.34 -30.14 40.63
N GLU A 1172 55.65 -30.27 40.37
CA GLU A 1172 56.11 -31.42 39.64
C GLU A 1172 57.16 -32.19 40.41
N LEU A 1173 57.08 -33.52 40.33
CA LEU A 1173 58.08 -34.41 40.90
C LEU A 1173 58.56 -35.33 39.79
N LEU A 1174 59.88 -35.42 39.63
CA LEU A 1174 60.51 -36.10 38.50
C LEU A 1174 61.71 -36.93 38.91
N LEU A 1175 61.89 -38.07 38.25
CA LEU A 1175 63.13 -38.84 38.39
C LEU A 1175 64.30 -38.13 37.71
N MET A 1176 65.44 -38.11 38.38
CA MET A 1176 66.69 -37.69 37.76
C MET A 1176 67.25 -38.88 36.96
N GLU A 1177 67.19 -38.76 35.65
CA GLU A 1177 67.70 -39.79 34.78
C GLU A 1177 68.13 -39.11 33.48
N GLU A 1178 69.42 -39.23 33.15
CA GLU A 1178 69.97 -38.51 32.02
C GLU A 1178 69.81 -39.35 30.77
K K B . 39.37 -13.78 -13.54
K K C . -9.02 20.61 -8.36
K K D . -11.61 -26.05 -25.62
CA CA E . 48.29 -24.85 35.80
#